data_4EDQ
#
_entry.id   4EDQ
#
_cell.length_a   53.993
_cell.length_b   60.700
_cell.length_c   73.314
_cell.angle_alpha   85.73
_cell.angle_beta   79.20
_cell.angle_gamma   89.98
#
_symmetry.space_group_name_H-M   'P 1'
#
loop_
_entity.id
_entity.type
_entity.pdbx_description
1 polymer 'Maltose-binding periplasmic protein,Myosin-binding protein C, cardiac-type chimeric protein'
2 branched alpha-D-glucopyranose-(1-4)-alpha-D-glucopyranose-(1-4)-alpha-D-glucopyranose
3 water water
#
_entity_poly.entity_id   1
_entity_poly.type   'polypeptide(L)'
_entity_poly.pdbx_seq_one_letter_code
;MKIEEGKLVIWINGDKGYNGLAEVGKKFEKDTGIKVTVEHPDKLEEKFPQVAATGDGPDIIFWAHDRFGGYAQSGLLAEI
TPDKAFQDKLYPFTWDAVRYNGKLIAYPIAVEALSLIYNKDLLPNPPKTWEEIPALDKELKAKGKSALMFNLQEPYFTWP
LIAADGGYAFKYENGKYDIKDVGVDNAGAKAGLTFLVDLIKNKHMNADTDYSIAEAAFNKGETAMTINGPWAWSNIDTSK
VNYGVTVLPTFKGQPSKPFVGVLSAGINAASPNKELAKEFLENYLLTDEGLEAVNKDKPLGAVALKSYEEELAKDPRIAA
TMENAQKGEIMPNIPQMSAFWYAVRTAVINAASGRQTVDAALAAAQTNAAADDPIGLFLMRPQDGEVTVGGSIVFSARVA
GASLLKPPVVKWFKGKWVDLSSKVGQHLQLHDSYDRASKVYLFELHITDAQTTSAGGYRCEVSTKDKFDSCNFNLTVHEA
IGSGDLDLRSAF
;
_entity_poly.pdbx_strand_id   A,B
#
# COMPACT_ATOMS: atom_id res chain seq x y z
N ILE A 3 -31.28 -36.57 -23.64
CA ILE A 3 -31.41 -37.96 -23.24
C ILE A 3 -30.62 -38.16 -21.96
N GLU A 4 -30.57 -37.07 -21.21
CA GLU A 4 -29.82 -37.02 -19.98
C GLU A 4 -30.69 -36.35 -18.94
N GLU A 5 -31.57 -35.46 -19.38
CA GLU A 5 -32.41 -34.65 -18.50
C GLU A 5 -31.95 -33.22 -18.69
N GLY A 6 -30.67 -33.07 -18.99
CA GLY A 6 -30.06 -31.78 -19.27
C GLY A 6 -28.54 -31.87 -19.23
N LYS A 7 -27.88 -30.74 -19.48
CA LYS A 7 -26.42 -30.68 -19.48
C LYS A 7 -25.91 -29.31 -19.00
N LEU A 8 -24.81 -29.34 -18.24
CA LEU A 8 -24.08 -28.14 -17.81
C LEU A 8 -22.65 -28.23 -18.35
N VAL A 9 -22.15 -27.13 -18.92
CA VAL A 9 -20.77 -27.08 -19.40
C VAL A 9 -20.00 -26.11 -18.53
N ILE A 10 -18.85 -26.58 -18.03
CA ILE A 10 -17.99 -25.80 -17.16
C ILE A 10 -16.60 -25.62 -17.77
N TRP A 11 -16.08 -24.40 -17.69
CA TRP A 11 -14.70 -24.13 -18.06
C TRP A 11 -13.90 -23.78 -16.82
N ILE A 12 -12.71 -24.34 -16.73
CA ILE A 12 -11.82 -24.08 -15.60
C ILE A 12 -10.41 -24.21 -16.15
N ASN A 13 -9.45 -23.53 -15.53
CA ASN A 13 -8.10 -23.55 -16.06
C ASN A 13 -7.44 -24.89 -15.85
N GLY A 14 -6.54 -25.22 -16.77
CA GLY A 14 -5.90 -26.54 -16.81
C GLY A 14 -4.99 -26.82 -15.65
N ASP A 15 -4.69 -25.83 -14.83
CA ASP A 15 -3.88 -26.14 -13.65
C ASP A 15 -4.68 -26.44 -12.39
N LYS A 16 -6.00 -26.39 -12.49
CA LYS A 16 -6.87 -26.61 -11.34
C LYS A 16 -7.41 -28.04 -11.36
N GLY A 17 -8.17 -28.38 -10.31
CA GLY A 17 -8.69 -29.73 -10.10
C GLY A 17 -9.88 -30.13 -10.96
N TYR A 18 -9.70 -30.19 -12.27
CA TYR A 18 -10.80 -30.48 -13.18
C TYR A 18 -11.34 -31.93 -13.02
N ASN A 19 -10.48 -32.83 -12.59
CA ASN A 19 -10.95 -34.19 -12.40
C ASN A 19 -11.79 -34.33 -11.13
N GLY A 20 -11.36 -33.69 -10.05
CA GLY A 20 -12.17 -33.60 -8.86
C GLY A 20 -13.49 -32.89 -9.13
N LEU A 21 -13.45 -31.80 -9.92
CA LEU A 21 -14.67 -31.08 -10.28
C LEU A 21 -15.58 -31.99 -11.09
N ALA A 22 -15.03 -32.76 -12.02
CA ALA A 22 -15.85 -33.72 -12.74
C ALA A 22 -16.47 -34.80 -11.82
N GLU A 23 -15.79 -35.19 -10.75
CA GLU A 23 -16.38 -36.07 -9.75
C GLU A 23 -17.61 -35.47 -9.07
N VAL A 24 -17.57 -34.18 -8.76
CA VAL A 24 -18.73 -33.53 -8.15
C VAL A 24 -19.86 -33.51 -9.19
N GLY A 25 -19.48 -33.28 -10.42
CA GLY A 25 -20.37 -33.35 -11.56
C GLY A 25 -21.05 -34.69 -11.73
N LYS A 26 -20.31 -35.78 -11.49
CA LYS A 26 -20.90 -37.12 -11.61
C LYS A 26 -21.90 -37.39 -10.49
N LYS A 27 -21.63 -36.90 -9.28
CA LYS A 27 -22.63 -36.94 -8.20
C LYS A 27 -23.86 -36.10 -8.56
N PHE A 28 -23.66 -34.93 -9.15
CA PHE A 28 -24.79 -34.11 -9.63
C PHE A 28 -25.63 -34.91 -10.63
N GLU A 29 -24.97 -35.52 -11.61
CA GLU A 29 -25.66 -36.28 -12.65
C GLU A 29 -26.49 -37.39 -12.01
N LYS A 30 -25.89 -38.13 -11.09
CA LYS A 30 -26.54 -39.29 -10.51
C LYS A 30 -27.79 -38.89 -9.73
N ASP A 31 -27.70 -37.80 -8.97
CA ASP A 31 -28.85 -37.27 -8.25
C ASP A 31 -29.92 -36.67 -9.15
N THR A 32 -29.48 -36.10 -10.27
CA THR A 32 -30.24 -35.06 -10.95
C THR A 32 -30.52 -35.40 -12.43
N GLY A 33 -29.78 -36.37 -12.98
CA GLY A 33 -29.89 -36.71 -14.38
C GLY A 33 -29.15 -35.75 -15.33
N ILE A 34 -28.72 -34.63 -14.80
CA ILE A 34 -28.05 -33.58 -15.57
C ILE A 34 -26.55 -33.87 -15.73
N LYS A 35 -26.10 -34.03 -16.97
CA LYS A 35 -24.71 -34.31 -17.26
C LYS A 35 -23.83 -33.06 -17.15
N VAL A 36 -22.71 -33.18 -16.44
CA VAL A 36 -21.75 -32.10 -16.27
C VAL A 36 -20.47 -32.41 -17.07
N THR A 37 -20.10 -31.48 -17.93
CA THR A 37 -18.86 -31.62 -18.68
C THR A 37 -17.93 -30.50 -18.28
N VAL A 38 -16.71 -30.85 -17.88
CA VAL A 38 -15.74 -29.89 -17.44
C VAL A 38 -14.68 -29.86 -18.52
N GLU A 39 -14.48 -28.68 -19.10
CA GLU A 39 -13.44 -28.45 -20.11
C GLU A 39 -12.41 -27.48 -19.56
N HIS A 40 -11.22 -27.49 -20.14
CA HIS A 40 -10.20 -26.52 -19.76
C HIS A 40 -9.46 -26.06 -20.99
N PRO A 41 -10.13 -25.30 -21.86
CA PRO A 41 -9.45 -24.86 -23.08
C PRO A 41 -8.32 -23.91 -22.81
N ASP A 42 -7.36 -23.88 -23.71
CA ASP A 42 -6.25 -22.94 -23.63
C ASP A 42 -6.83 -21.55 -23.79
N LYS A 43 -6.29 -20.59 -23.04
CA LYS A 43 -6.70 -19.20 -23.15
C LYS A 43 -8.23 -19.00 -22.98
N LEU A 44 -8.85 -19.83 -22.12
CA LEU A 44 -10.30 -19.79 -21.97
C LEU A 44 -10.80 -18.41 -21.53
N GLU A 45 -9.96 -17.69 -20.80
CA GLU A 45 -10.35 -16.40 -20.24
C GLU A 45 -10.35 -15.34 -21.34
N GLU A 46 -9.54 -15.56 -22.37
CA GLU A 46 -9.58 -14.68 -23.55
C GLU A 46 -10.72 -15.06 -24.51
N LYS A 47 -11.01 -16.34 -24.60
CA LYS A 47 -12.02 -16.84 -25.52
C LYS A 47 -13.44 -16.58 -25.04
N PHE A 48 -13.63 -16.56 -23.72
CA PHE A 48 -14.99 -16.52 -23.17
C PHE A 48 -15.85 -15.36 -23.72
N PRO A 49 -15.31 -14.15 -23.73
CA PRO A 49 -16.20 -13.06 -24.22
C PRO A 49 -16.72 -13.28 -25.63
N GLN A 50 -15.90 -13.84 -26.52
CA GLN A 50 -16.28 -14.04 -27.91
C GLN A 50 -17.36 -15.09 -28.01
N VAL A 51 -17.31 -16.09 -27.14
CA VAL A 51 -18.23 -17.20 -27.27
C VAL A 51 -19.41 -17.13 -26.34
N ALA A 52 -19.39 -16.22 -25.37
CA ALA A 52 -20.38 -16.27 -24.29
C ALA A 52 -21.83 -16.38 -24.76
N ALA A 53 -22.23 -15.61 -25.78
CA ALA A 53 -23.64 -15.57 -26.16
C ALA A 53 -23.98 -16.33 -27.44
N THR A 54 -23.08 -17.22 -27.89
CA THR A 54 -23.25 -17.92 -29.16
C THR A 54 -23.91 -19.30 -29.02
N GLY A 55 -23.62 -19.97 -27.91
CA GLY A 55 -24.10 -21.33 -27.70
C GLY A 55 -22.92 -22.26 -27.56
N ASP A 56 -21.75 -21.77 -27.98
CA ASP A 56 -20.49 -22.46 -27.75
C ASP A 56 -19.89 -21.98 -26.44
N GLY A 57 -20.65 -21.20 -25.68
CA GLY A 57 -20.18 -20.71 -24.39
C GLY A 57 -20.51 -21.68 -23.28
N PRO A 58 -19.67 -21.68 -22.23
CA PRO A 58 -19.91 -22.52 -21.06
C PRO A 58 -21.05 -21.93 -20.23
N ASP A 59 -21.73 -22.75 -19.42
CA ASP A 59 -22.69 -22.23 -18.46
C ASP A 59 -21.98 -21.58 -17.28
N ILE A 60 -20.85 -22.14 -16.90
CA ILE A 60 -20.08 -21.67 -15.75
C ILE A 60 -18.61 -21.52 -16.17
N ILE A 61 -18.03 -20.40 -15.78
CA ILE A 61 -16.61 -20.16 -16.00
C ILE A 61 -15.89 -19.91 -14.69
N PHE A 62 -14.79 -20.64 -14.48
CA PHE A 62 -13.96 -20.47 -13.30
C PHE A 62 -12.69 -19.70 -13.65
N TRP A 63 -12.37 -18.69 -12.87
CA TRP A 63 -11.11 -17.98 -12.97
C TRP A 63 -10.89 -17.24 -11.68
N ALA A 64 -9.69 -16.72 -11.47
CA ALA A 64 -9.49 -15.82 -10.35
C ALA A 64 -10.38 -14.58 -10.56
N HIS A 65 -10.71 -13.93 -9.48
CA HIS A 65 -11.71 -12.85 -9.54
C HIS A 65 -11.27 -11.63 -10.36
N ASP A 66 -9.97 -11.48 -10.62
CA ASP A 66 -9.49 -10.28 -11.31
C ASP A 66 -10.13 -10.10 -12.68
N ARG A 67 -10.44 -11.20 -13.37
CA ARG A 67 -10.99 -11.13 -14.72
C ARG A 67 -12.44 -10.71 -14.73
N PHE A 68 -13.11 -10.83 -13.58
CA PHE A 68 -14.57 -10.83 -13.63
C PHE A 68 -15.21 -9.45 -13.73
N GLY A 69 -14.52 -8.39 -13.30
CA GLY A 69 -15.04 -7.04 -13.45
C GLY A 69 -15.17 -6.68 -14.92
N GLY A 70 -14.14 -7.03 -15.69
CA GLY A 70 -14.22 -6.82 -17.13
C GLY A 70 -15.37 -7.57 -17.81
N TYR A 71 -15.57 -8.83 -17.41
CA TYR A 71 -16.67 -9.61 -17.96
C TYR A 71 -17.99 -8.95 -17.61
N ALA A 72 -18.11 -8.54 -16.35
CA ALA A 72 -19.32 -7.90 -15.86
C ALA A 72 -19.59 -6.57 -16.58
N GLN A 73 -18.56 -5.78 -16.84
CA GLN A 73 -18.74 -4.51 -17.57
C GLN A 73 -19.35 -4.77 -18.95
N SER A 74 -18.97 -5.90 -19.55
CA SER A 74 -19.48 -6.31 -20.85
C SER A 74 -20.79 -7.06 -20.82
N GLY A 75 -21.37 -7.24 -19.62
CA GLY A 75 -22.67 -7.87 -19.46
C GLY A 75 -22.66 -9.39 -19.59
N LEU A 76 -21.48 -9.99 -19.45
CA LEU A 76 -21.33 -11.41 -19.69
C LEU A 76 -21.79 -12.32 -18.55
N LEU A 77 -21.93 -11.78 -17.34
CA LEU A 77 -22.17 -12.60 -16.15
C LEU A 77 -23.51 -12.35 -15.51
N ALA A 78 -24.17 -13.44 -15.13
CA ALA A 78 -25.42 -13.37 -14.39
C ALA A 78 -25.17 -12.80 -12.99
N GLU A 79 -26.09 -11.95 -12.52
CA GLU A 79 -25.99 -11.45 -11.17
C GLU A 79 -26.37 -12.53 -10.21
N ILE A 80 -25.59 -12.64 -9.14
CA ILE A 80 -25.85 -13.63 -8.13
C ILE A 80 -26.53 -12.94 -6.97
N THR A 81 -27.70 -13.42 -6.59
CA THR A 81 -28.46 -12.84 -5.49
C THR A 81 -28.87 -13.92 -4.51
N PRO A 82 -27.92 -14.34 -3.69
CA PRO A 82 -28.12 -15.47 -2.78
C PRO A 82 -29.02 -15.11 -1.60
N ASP A 83 -29.62 -16.13 -0.96
CA ASP A 83 -30.34 -15.92 0.29
C ASP A 83 -29.30 -15.81 1.39
N LYS A 84 -29.71 -15.20 2.50
CA LYS A 84 -28.83 -14.99 3.62
C LYS A 84 -28.27 -16.31 4.09
N ALA A 85 -29.10 -17.35 4.11
CA ALA A 85 -28.67 -18.64 4.62
C ALA A 85 -27.42 -19.09 3.90
N PHE A 86 -27.41 -19.00 2.58
CA PHE A 86 -26.23 -19.41 1.84
C PHE A 86 -25.08 -18.42 1.94
N GLN A 87 -25.40 -17.13 1.84
CA GLN A 87 -24.34 -16.13 1.88
C GLN A 87 -23.49 -16.28 3.14
N ASP A 88 -24.13 -16.61 4.23
CA ASP A 88 -23.45 -16.74 5.51
C ASP A 88 -22.49 -17.92 5.61
N LYS A 89 -22.59 -18.86 4.68
CA LYS A 89 -21.71 -20.02 4.70
C LYS A 89 -20.30 -19.74 4.17
N LEU A 90 -20.14 -18.65 3.43
CA LEU A 90 -18.84 -18.29 2.87
C LEU A 90 -18.29 -17.02 3.51
N TYR A 91 -16.97 -16.92 3.59
CA TYR A 91 -16.32 -15.75 4.20
C TYR A 91 -16.69 -14.44 3.51
N PRO A 92 -17.07 -13.41 4.29
CA PRO A 92 -17.39 -12.14 3.62
C PRO A 92 -16.27 -11.64 2.72
N PHE A 93 -15.02 -11.87 3.10
CA PHE A 93 -13.87 -11.49 2.28
C PHE A 93 -13.97 -12.05 0.85
N THR A 94 -14.41 -13.30 0.74
CA THR A 94 -14.49 -13.96 -0.53
C THR A 94 -15.63 -13.38 -1.37
N TRP A 95 -16.75 -13.04 -0.73
CA TRP A 95 -17.83 -12.35 -1.47
C TRP A 95 -17.38 -10.97 -1.95
N ASP A 96 -16.55 -10.30 -1.16
CA ASP A 96 -16.10 -8.95 -1.53
C ASP A 96 -15.33 -9.00 -2.83
N ALA A 97 -14.57 -10.09 -3.01
CA ALA A 97 -13.76 -10.22 -4.21
C ALA A 97 -14.63 -10.32 -5.44
N VAL A 98 -15.86 -10.81 -5.29
CA VAL A 98 -16.72 -10.98 -6.45
C VAL A 98 -17.82 -9.93 -6.58
N ARG A 99 -17.60 -8.81 -5.94
CA ARG A 99 -18.56 -7.72 -6.00
C ARG A 99 -18.06 -6.77 -7.06
N TYR A 100 -18.93 -6.39 -7.97
CA TYR A 100 -18.60 -5.37 -8.96
C TYR A 100 -19.73 -4.34 -9.03
N ASN A 101 -19.40 -3.09 -8.69
CA ASN A 101 -20.37 -2.00 -8.73
C ASN A 101 -21.73 -2.38 -8.16
N GLY A 102 -21.69 -2.91 -6.94
CA GLY A 102 -22.91 -3.17 -6.19
C GLY A 102 -23.58 -4.51 -6.48
N LYS A 103 -23.00 -5.31 -7.35
CA LYS A 103 -23.55 -6.60 -7.69
C LYS A 103 -22.57 -7.73 -7.42
N LEU A 104 -23.06 -8.83 -6.87
CA LEU A 104 -22.28 -10.05 -6.82
C LEU A 104 -22.35 -10.67 -8.20
N ILE A 105 -21.18 -10.98 -8.80
CA ILE A 105 -21.08 -11.45 -10.17
C ILE A 105 -20.52 -12.86 -10.29
N ALA A 106 -20.37 -13.55 -9.16
CA ALA A 106 -19.83 -14.93 -9.18
C ALA A 106 -20.00 -15.55 -7.81
N TYR A 107 -19.73 -16.85 -7.72
CA TYR A 107 -19.61 -17.51 -6.41
C TYR A 107 -18.14 -17.67 -6.11
N PRO A 108 -17.68 -17.20 -4.94
CA PRO A 108 -16.27 -17.39 -4.57
C PRO A 108 -15.99 -18.83 -4.16
N ILE A 109 -14.81 -19.34 -4.49
CA ILE A 109 -14.50 -20.76 -4.21
C ILE A 109 -13.34 -20.89 -3.24
N ALA A 110 -12.25 -20.15 -3.46
CA ALA A 110 -11.08 -20.32 -2.62
C ALA A 110 -10.07 -19.18 -2.78
N VAL A 111 -9.28 -18.95 -1.73
CA VAL A 111 -8.27 -17.91 -1.73
C VAL A 111 -6.88 -18.53 -2.00
N GLU A 112 -6.18 -17.97 -3.00
CA GLU A 112 -4.87 -18.46 -3.47
C GLU A 112 -3.83 -17.36 -3.33
N ALA A 113 -2.61 -17.72 -2.95
CA ALA A 113 -1.42 -16.88 -3.08
C ALA A 113 -0.25 -17.74 -3.33
N LEU A 114 0.77 -17.17 -3.96
CA LEU A 114 2.02 -17.88 -4.21
C LEU A 114 2.82 -18.00 -2.93
N SER A 115 3.57 -19.09 -2.82
CA SER A 115 4.55 -19.28 -1.76
C SER A 115 5.89 -19.76 -2.33
N LEU A 116 6.89 -19.81 -1.45
CA LEU A 116 8.16 -20.44 -1.76
C LEU A 116 8.05 -21.90 -1.43
N ILE A 117 8.35 -22.74 -2.40
CA ILE A 117 8.30 -24.18 -2.21
C ILE A 117 9.74 -24.70 -2.35
N TYR A 118 10.21 -25.46 -1.37
CA TYR A 118 11.63 -25.84 -1.37
C TYR A 118 11.80 -27.31 -1.10
N ASN A 119 12.88 -27.86 -1.65
CA ASN A 119 13.22 -29.26 -1.47
C ASN A 119 14.12 -29.43 -0.24
N LYS A 120 13.58 -30.02 0.81
CA LYS A 120 14.25 -30.12 2.09
C LYS A 120 15.54 -30.94 2.07
N ASP A 121 15.67 -31.84 1.09
CA ASP A 121 16.89 -32.63 0.95
C ASP A 121 18.04 -31.89 0.25
N LEU A 122 17.72 -30.89 -0.57
CA LEU A 122 18.72 -30.07 -1.21
C LEU A 122 18.97 -28.81 -0.43
N LEU A 123 18.00 -28.44 0.40
CA LEU A 123 18.04 -27.14 1.03
C LEU A 123 17.24 -27.16 2.32
N PRO A 124 17.85 -27.67 3.39
CA PRO A 124 17.15 -27.77 4.68
C PRO A 124 16.64 -26.44 5.18
N ASN A 125 17.38 -25.36 4.92
CA ASN A 125 16.97 -24.08 5.44
C ASN A 125 16.89 -23.11 4.28
N PRO A 126 15.67 -22.80 3.85
CA PRO A 126 15.59 -22.01 2.63
C PRO A 126 15.92 -20.57 2.96
N PRO A 127 16.30 -19.80 1.93
CA PRO A 127 16.73 -18.44 2.19
C PRO A 127 15.61 -17.56 2.61
N LYS A 128 15.97 -16.59 3.45
CA LYS A 128 15.04 -15.58 3.87
C LYS A 128 14.99 -14.35 2.99
N THR A 129 16.06 -14.13 2.24
CA THR A 129 16.18 -12.98 1.34
C THR A 129 16.44 -13.38 -0.11
N TRP A 130 15.93 -12.56 -1.02
CA TRP A 130 16.22 -12.74 -2.42
C TRP A 130 17.72 -12.56 -2.67
N GLU A 131 18.33 -11.62 -1.95
CA GLU A 131 19.75 -11.28 -2.15
C GLU A 131 20.71 -12.46 -1.89
N GLU A 132 20.32 -13.42 -1.07
CA GLU A 132 21.14 -14.60 -0.80
C GLU A 132 21.13 -15.64 -1.89
N ILE A 133 20.16 -15.52 -2.79
CA ILE A 133 19.96 -16.57 -3.78
C ILE A 133 21.10 -16.77 -4.79
N PRO A 134 21.73 -15.68 -5.29
CA PRO A 134 22.89 -15.88 -6.17
C PRO A 134 23.97 -16.77 -5.54
N ALA A 135 24.30 -16.52 -4.28
CA ALA A 135 25.35 -17.32 -3.65
C ALA A 135 24.90 -18.76 -3.44
N LEU A 136 23.64 -18.96 -3.10
CA LEU A 136 23.11 -20.33 -2.95
C LEU A 136 23.22 -21.10 -4.27
N ASP A 137 22.90 -20.42 -5.34
CA ASP A 137 22.94 -21.03 -6.63
C ASP A 137 24.35 -21.36 -7.02
N LYS A 138 25.31 -20.49 -6.73
CA LYS A 138 26.68 -20.91 -7.01
C LYS A 138 27.01 -22.22 -6.27
N GLU A 139 26.61 -22.30 -5.01
CA GLU A 139 26.85 -23.50 -4.22
C GLU A 139 26.21 -24.73 -4.83
N LEU A 140 24.94 -24.62 -5.19
CA LEU A 140 24.23 -25.75 -5.79
C LEU A 140 24.74 -26.11 -7.19
N LYS A 141 25.21 -25.12 -7.94
CA LYS A 141 25.69 -25.39 -9.30
C LYS A 141 26.93 -26.28 -9.23
N ALA A 142 27.74 -26.07 -8.19
CA ALA A 142 28.97 -26.85 -8.00
C ALA A 142 28.62 -28.29 -7.72
N LYS A 143 27.37 -28.51 -7.36
CA LYS A 143 26.87 -29.82 -7.11
C LYS A 143 25.89 -30.31 -8.16
N GLY A 144 25.82 -29.61 -9.28
CA GLY A 144 25.06 -30.05 -10.42
C GLY A 144 23.57 -29.77 -10.37
N LYS A 145 23.16 -28.86 -9.47
CA LYS A 145 21.76 -28.47 -9.30
C LYS A 145 21.67 -26.96 -9.47
N SER A 146 20.48 -26.40 -9.29
CA SER A 146 20.30 -24.93 -9.27
C SER A 146 19.48 -24.58 -8.07
N ALA A 147 19.45 -23.30 -7.70
CA ALA A 147 18.73 -22.86 -6.52
C ALA A 147 17.23 -22.70 -6.75
N LEU A 148 16.88 -22.08 -7.86
CA LEU A 148 15.53 -21.60 -8.04
C LEU A 148 15.10 -21.62 -9.49
N MET A 149 13.91 -22.19 -9.75
CA MET A 149 13.30 -22.09 -11.08
C MET A 149 11.81 -21.87 -10.91
N PHE A 150 11.28 -20.89 -11.62
CA PHE A 150 9.85 -20.61 -11.61
C PHE A 150 9.47 -19.95 -12.92
N ASN A 151 8.17 -19.88 -13.16
CA ASN A 151 7.64 -19.43 -14.43
C ASN A 151 7.94 -17.95 -14.66
N LEU A 152 8.78 -17.67 -15.65
CA LEU A 152 9.12 -16.29 -15.97
C LEU A 152 8.30 -15.73 -17.13
N GLN A 153 7.29 -16.45 -17.59
CA GLN A 153 6.54 -16.00 -18.76
C GLN A 153 5.29 -15.31 -18.34
N GLU A 154 4.82 -15.56 -17.13
CA GLU A 154 3.57 -14.96 -16.65
C GLU A 154 3.86 -14.00 -15.54
N PRO A 155 3.39 -12.75 -15.66
CA PRO A 155 3.79 -11.74 -14.67
C PRO A 155 3.30 -12.03 -13.27
N TYR A 156 2.28 -12.86 -13.12
CA TYR A 156 1.81 -13.27 -11.81
C TYR A 156 2.92 -13.78 -10.90
N PHE A 157 3.92 -14.45 -11.50
CA PHE A 157 4.95 -15.10 -10.73
C PHE A 157 6.11 -14.21 -10.35
N THR A 158 6.37 -13.19 -11.17
CA THR A 158 7.43 -12.22 -10.93
C THR A 158 6.94 -11.01 -10.15
N TRP A 159 5.63 -10.78 -10.16
CA TRP A 159 5.07 -9.63 -9.47
C TRP A 159 5.46 -9.51 -7.99
N PRO A 160 5.52 -10.63 -7.24
CA PRO A 160 5.82 -10.48 -5.81
C PRO A 160 7.16 -9.79 -5.55
N LEU A 161 8.16 -10.09 -6.35
CA LEU A 161 9.47 -9.40 -6.29
C LEU A 161 9.40 -7.96 -6.78
N ILE A 162 8.73 -7.71 -7.90
CA ILE A 162 8.54 -6.34 -8.38
C ILE A 162 7.80 -5.40 -7.39
N ALA A 163 6.79 -5.93 -6.72
CA ALA A 163 6.02 -5.14 -5.79
C ALA A 163 6.71 -4.96 -4.42
N ALA A 164 7.65 -5.84 -4.09
CA ALA A 164 8.23 -5.86 -2.75
C ALA A 164 8.69 -4.48 -2.25
N ASP A 165 9.48 -3.78 -3.06
CA ASP A 165 10.07 -2.48 -2.67
C ASP A 165 9.23 -1.27 -3.14
N GLY A 166 8.07 -1.49 -3.72
CA GLY A 166 7.22 -0.36 -4.04
C GLY A 166 6.36 -0.42 -5.29
N GLY A 167 6.52 -1.44 -6.13
CA GLY A 167 5.61 -1.59 -7.27
C GLY A 167 4.16 -1.81 -6.82
N TYR A 168 3.22 -1.32 -7.62
CA TYR A 168 1.80 -1.58 -7.40
C TYR A 168 1.05 -1.49 -8.73
N ALA A 169 -0.13 -2.09 -8.79
CA ALA A 169 -0.96 -2.05 -9.98
C ALA A 169 -1.74 -0.76 -10.03
N PHE A 170 -2.83 -0.72 -9.28
CA PHE A 170 -3.63 0.52 -9.18
C PHE A 170 -3.71 1.05 -7.75
N LYS A 171 -3.58 2.36 -7.62
CA LYS A 171 -3.71 3.01 -6.32
C LYS A 171 -5.11 2.82 -5.75
N TYR A 172 -5.20 2.54 -4.46
CA TYR A 172 -6.49 2.41 -3.82
C TYR A 172 -6.59 3.47 -2.77
N GLU A 173 -7.65 4.28 -2.83
CA GLU A 173 -7.92 5.24 -1.78
C GLU A 173 -9.38 5.73 -1.81
N ASN A 174 -9.81 6.22 -0.65
CA ASN A 174 -11.23 6.52 -0.41
C ASN A 174 -12.17 5.48 -0.99
N GLY A 175 -11.90 4.20 -0.74
CA GLY A 175 -12.81 3.12 -1.05
C GLY A 175 -12.85 2.63 -2.48
N LYS A 176 -11.91 3.10 -3.31
CA LYS A 176 -11.93 2.71 -4.71
C LYS A 176 -10.55 2.77 -5.35
N TYR A 177 -10.38 1.97 -6.39
CA TYR A 177 -9.16 2.01 -7.17
C TYR A 177 -9.18 3.22 -8.09
N ASP A 178 -8.02 3.86 -8.17
CA ASP A 178 -7.81 4.91 -9.13
C ASP A 178 -7.27 4.30 -10.42
N ILE A 179 -8.13 4.20 -11.43
CA ILE A 179 -7.84 3.46 -12.64
C ILE A 179 -6.74 4.10 -13.46
N LYS A 180 -6.40 5.34 -13.12
CA LYS A 180 -5.39 6.08 -13.88
C LYS A 180 -4.03 6.07 -13.22
N ASP A 181 -3.96 5.65 -11.95
CA ASP A 181 -2.76 5.78 -11.12
C ASP A 181 -2.09 4.41 -10.93
N VAL A 182 -1.07 4.19 -11.75
CA VAL A 182 -0.40 2.91 -11.87
C VAL A 182 1.01 2.98 -11.28
N GLY A 183 1.49 1.85 -10.77
CA GLY A 183 2.73 1.84 -10.02
C GLY A 183 3.79 0.90 -10.59
N VAL A 184 3.91 0.92 -11.91
CA VAL A 184 4.73 -0.04 -12.64
C VAL A 184 6.13 0.49 -12.91
N ASP A 185 6.27 1.81 -13.08
CA ASP A 185 7.56 2.44 -13.37
C ASP A 185 8.10 3.27 -12.20
N ASN A 186 7.92 2.83 -10.97
CA ASN A 186 8.55 3.56 -9.87
C ASN A 186 9.87 2.94 -9.47
N ALA A 187 10.56 3.57 -8.56
CA ALA A 187 11.87 3.09 -8.16
C ALA A 187 11.83 1.67 -7.62
N GLY A 188 10.76 1.34 -6.91
CA GLY A 188 10.61 0.04 -6.27
C GLY A 188 10.46 -1.07 -7.30
N ALA A 189 9.59 -0.84 -8.28
CA ALA A 189 9.37 -1.83 -9.33
C ALA A 189 10.66 -2.03 -10.13
N LYS A 190 11.31 -0.93 -10.44
CA LYS A 190 12.57 -1.01 -11.18
C LYS A 190 13.65 -1.80 -10.44
N ALA A 191 13.75 -1.63 -9.13
CA ALA A 191 14.72 -2.40 -8.34
C ALA A 191 14.43 -3.89 -8.39
N GLY A 192 13.15 -4.24 -8.26
CA GLY A 192 12.74 -5.63 -8.29
C GLY A 192 12.99 -6.26 -9.64
N LEU A 193 12.56 -5.57 -10.70
CA LEU A 193 12.75 -6.14 -12.03
C LEU A 193 14.26 -6.18 -12.36
N THR A 194 15.03 -5.21 -11.90
CA THR A 194 16.45 -5.24 -12.15
C THR A 194 17.11 -6.45 -11.44
N PHE A 195 16.66 -6.75 -10.24
CA PHE A 195 17.21 -7.90 -9.52
C PHE A 195 16.93 -9.17 -10.29
N LEU A 196 15.72 -9.30 -10.82
CA LEU A 196 15.35 -10.48 -11.62
C LEU A 196 16.20 -10.58 -12.88
N VAL A 197 16.32 -9.46 -13.59
CA VAL A 197 17.12 -9.42 -14.81
C VAL A 197 18.57 -9.78 -14.55
N ASP A 198 19.09 -9.35 -13.41
CA ASP A 198 20.47 -9.66 -13.05
C ASP A 198 20.63 -11.12 -12.68
N LEU A 199 19.62 -11.73 -12.05
CA LEU A 199 19.68 -13.17 -11.83
C LEU A 199 19.87 -13.90 -13.11
N ILE A 200 19.12 -13.48 -14.13
CA ILE A 200 19.19 -14.11 -15.43
C ILE A 200 20.53 -13.79 -16.13
N LYS A 201 20.97 -12.53 -16.10
CA LYS A 201 22.28 -12.24 -16.67
C LYS A 201 23.41 -13.09 -16.05
N ASN A 202 23.29 -13.35 -14.75
CA ASN A 202 24.31 -14.10 -14.02
C ASN A 202 24.09 -15.61 -14.13
N LYS A 203 23.12 -15.97 -14.98
CA LYS A 203 22.81 -17.36 -15.30
C LYS A 203 22.31 -18.16 -14.10
N HIS A 204 21.79 -17.46 -13.09
CA HIS A 204 21.12 -18.14 -11.97
C HIS A 204 19.73 -18.58 -12.40
N MET A 205 19.21 -17.97 -13.46
CA MET A 205 17.95 -18.34 -14.05
C MET A 205 18.01 -18.10 -15.57
N ASN A 206 17.03 -18.63 -16.28
CA ASN A 206 16.98 -18.58 -17.73
C ASN A 206 15.68 -17.92 -18.14
N ALA A 207 15.76 -16.92 -19.02
CA ALA A 207 14.59 -16.15 -19.39
C ALA A 207 13.48 -17.00 -20.01
N ASP A 208 13.85 -18.15 -20.60
CA ASP A 208 12.89 -18.97 -21.34
C ASP A 208 12.11 -19.88 -20.42
N THR A 209 12.50 -19.95 -19.14
CA THR A 209 11.79 -20.84 -18.22
C THR A 209 10.29 -20.51 -18.11
N ASP A 210 9.47 -21.53 -18.31
CA ASP A 210 8.03 -21.39 -18.20
C ASP A 210 7.47 -22.31 -17.11
N TYR A 211 6.16 -22.42 -17.05
CA TYR A 211 5.54 -23.12 -15.96
C TYR A 211 5.89 -24.63 -15.98
N SER A 212 5.75 -25.25 -17.13
CA SER A 212 6.07 -26.66 -17.28
C SER A 212 7.52 -26.99 -17.00
N ILE A 213 8.43 -26.16 -17.50
CA ILE A 213 9.83 -26.39 -17.30
C ILE A 213 10.20 -26.33 -15.80
N ALA A 214 9.71 -25.31 -15.11
CA ALA A 214 10.03 -25.14 -13.69
C ALA A 214 9.41 -26.25 -12.83
N GLU A 215 8.20 -26.65 -13.17
CA GLU A 215 7.52 -27.74 -12.44
C GLU A 215 8.28 -29.05 -12.59
N ALA A 216 8.67 -29.36 -13.81
CA ALA A 216 9.43 -30.59 -14.10
C ALA A 216 10.75 -30.58 -13.36
N ALA A 217 11.44 -29.44 -13.37
CA ALA A 217 12.72 -29.33 -12.72
C ALA A 217 12.57 -29.50 -11.21
N PHE A 218 11.55 -28.92 -10.61
CA PHE A 218 11.42 -29.06 -9.18
C PHE A 218 10.98 -30.48 -8.82
N ASN A 219 10.01 -30.99 -9.55
CA ASN A 219 9.46 -32.29 -9.22
C ASN A 219 10.42 -33.43 -9.50
N LYS A 220 11.49 -33.15 -10.25
CA LYS A 220 12.48 -34.18 -10.54
C LYS A 220 13.73 -34.02 -9.67
N GLY A 221 13.72 -33.01 -8.80
CA GLY A 221 14.84 -32.78 -7.90
C GLY A 221 16.07 -32.11 -8.51
N GLU A 222 15.86 -31.35 -9.58
CA GLU A 222 16.93 -30.68 -10.27
C GLU A 222 17.18 -29.30 -9.70
N THR A 223 16.15 -28.69 -9.13
CA THR A 223 16.30 -27.35 -8.57
C THR A 223 15.77 -27.33 -7.14
N ALA A 224 16.40 -26.53 -6.28
CA ALA A 224 16.11 -26.59 -4.83
C ALA A 224 14.82 -25.88 -4.44
N MET A 225 14.35 -24.94 -5.27
CA MET A 225 13.20 -24.10 -4.93
C MET A 225 12.39 -23.79 -6.18
N THR A 226 11.11 -23.51 -5.96
CA THR A 226 10.26 -22.97 -6.98
C THR A 226 9.27 -22.04 -6.29
N ILE A 227 8.49 -21.32 -7.10
CA ILE A 227 7.49 -20.38 -6.63
C ILE A 227 6.21 -20.78 -7.29
N ASN A 228 5.21 -21.14 -6.49
CA ASN A 228 3.98 -21.65 -7.06
C ASN A 228 2.90 -21.61 -6.01
N GLY A 229 1.69 -21.95 -6.44
CA GLY A 229 0.52 -21.86 -5.60
C GLY A 229 0.04 -23.23 -5.17
N PRO A 230 -1.07 -23.27 -4.43
CA PRO A 230 -1.58 -24.51 -3.85
C PRO A 230 -1.88 -25.64 -4.86
N TRP A 231 -2.33 -25.25 -6.06
CA TRP A 231 -2.70 -26.17 -7.13
C TRP A 231 -1.56 -27.10 -7.53
N ALA A 232 -0.34 -26.66 -7.24
CA ALA A 232 0.85 -27.42 -7.65
C ALA A 232 1.25 -28.51 -6.69
N TRP A 233 0.77 -28.48 -5.46
CA TRP A 233 1.26 -29.38 -4.41
C TRP A 233 1.03 -30.88 -4.72
N SER A 234 -0.13 -31.22 -5.24
CA SER A 234 -0.42 -32.64 -5.47
C SER A 234 0.51 -33.27 -6.52
N ASN A 235 0.99 -32.53 -7.52
CA ASN A 235 1.93 -33.11 -8.48
C ASN A 235 3.26 -33.40 -7.79
N ILE A 236 3.63 -32.53 -6.87
CA ILE A 236 4.87 -32.71 -6.12
C ILE A 236 4.72 -33.94 -5.21
N ASP A 237 3.54 -34.11 -4.62
CA ASP A 237 3.26 -35.30 -3.81
C ASP A 237 3.52 -36.58 -4.58
N THR A 238 3.19 -36.62 -5.86
CA THR A 238 3.40 -37.85 -6.67
C THR A 238 4.88 -38.15 -6.90
N SER A 239 5.71 -37.12 -6.77
CA SER A 239 7.11 -37.26 -7.09
C SER A 239 7.84 -37.74 -5.85
N LYS A 240 9.16 -37.81 -5.94
CA LYS A 240 9.97 -38.28 -4.80
C LYS A 240 10.36 -37.17 -3.79
N VAL A 241 9.91 -35.94 -4.03
CA VAL A 241 10.42 -34.78 -3.31
C VAL A 241 9.83 -34.57 -1.93
N ASN A 242 10.71 -34.37 -0.95
CA ASN A 242 10.35 -33.92 0.40
C ASN A 242 10.35 -32.40 0.41
N TYR A 243 9.19 -31.78 0.28
CA TYR A 243 9.13 -30.33 0.12
C TYR A 243 8.49 -29.64 1.31
N GLY A 244 8.84 -28.37 1.47
CA GLY A 244 8.16 -27.46 2.35
C GLY A 244 7.59 -26.28 1.57
N VAL A 245 6.66 -25.59 2.22
CA VAL A 245 5.97 -24.44 1.66
C VAL A 245 6.19 -23.35 2.71
N THR A 246 6.77 -22.24 2.32
CA THR A 246 7.14 -21.22 3.30
C THR A 246 7.00 -19.80 2.76
N VAL A 247 7.30 -18.85 3.64
CA VAL A 247 7.22 -17.44 3.27
C VAL A 247 8.19 -17.10 2.14
N LEU A 248 7.73 -16.27 1.22
CA LEU A 248 8.59 -15.81 0.16
C LEU A 248 9.76 -15.02 0.73
N PRO A 249 10.89 -15.01 0.00
CA PRO A 249 12.03 -14.22 0.48
C PRO A 249 11.72 -12.73 0.45
N THR A 250 12.37 -11.97 1.32
CA THR A 250 12.28 -10.52 1.31
C THR A 250 13.21 -9.93 0.27
N PHE A 251 12.95 -8.67 -0.08
CA PHE A 251 13.79 -7.96 -1.00
C PHE A 251 13.95 -6.57 -0.43
N LYS A 252 15.20 -6.12 -0.33
CA LYS A 252 15.51 -4.89 0.39
C LYS A 252 14.83 -4.81 1.77
N GLY A 253 14.71 -5.95 2.43
CA GLY A 253 14.16 -6.01 3.77
C GLY A 253 12.65 -6.04 3.85
N GLN A 254 12.02 -5.94 2.68
CA GLN A 254 10.57 -5.85 2.57
C GLN A 254 10.05 -7.19 2.13
N PRO A 255 8.85 -7.55 2.60
CA PRO A 255 8.34 -8.83 2.13
C PRO A 255 8.01 -8.81 0.63
N SER A 256 8.19 -9.94 -0.05
CA SER A 256 7.57 -10.13 -1.34
C SER A 256 6.06 -9.99 -1.16
N LYS A 257 5.40 -9.45 -2.18
CA LYS A 257 3.98 -9.10 -2.11
C LYS A 257 3.22 -9.77 -3.24
N PRO A 258 2.90 -11.05 -3.05
CA PRO A 258 2.12 -11.74 -4.05
C PRO A 258 0.70 -11.21 -4.17
N PHE A 259 0.14 -11.25 -5.38
CA PHE A 259 -1.28 -10.91 -5.52
C PHE A 259 -2.11 -12.00 -4.89
N VAL A 260 -3.23 -11.58 -4.31
CA VAL A 260 -4.18 -12.55 -3.76
C VAL A 260 -5.32 -12.73 -4.75
N GLY A 261 -5.56 -13.98 -5.11
CA GLY A 261 -6.61 -14.33 -6.04
C GLY A 261 -7.67 -15.15 -5.36
N VAL A 262 -8.91 -14.85 -5.67
CA VAL A 262 -10.04 -15.67 -5.21
C VAL A 262 -10.58 -16.42 -6.42
N LEU A 263 -10.31 -17.71 -6.48
CA LEU A 263 -10.90 -18.55 -7.51
C LEU A 263 -12.40 -18.44 -7.40
N SER A 264 -13.07 -18.03 -8.49
CA SER A 264 -14.48 -17.76 -8.51
C SER A 264 -15.18 -18.40 -9.72
N ALA A 265 -16.47 -18.68 -9.55
CA ALA A 265 -17.30 -19.35 -10.53
C ALA A 265 -18.43 -18.42 -10.98
N GLY A 266 -18.28 -17.91 -12.20
CA GLY A 266 -19.27 -17.02 -12.77
C GLY A 266 -20.22 -17.78 -13.66
N ILE A 267 -21.48 -17.36 -13.65
CA ILE A 267 -22.50 -17.96 -14.50
C ILE A 267 -22.76 -17.08 -15.73
N ASN A 268 -22.73 -17.73 -16.88
CA ASN A 268 -22.92 -17.06 -18.17
C ASN A 268 -24.30 -16.45 -18.22
N ALA A 269 -24.36 -15.15 -18.47
CA ALA A 269 -25.62 -14.41 -18.51
C ALA A 269 -26.53 -14.94 -19.63
N ALA A 270 -25.93 -15.55 -20.63
CA ALA A 270 -26.67 -16.07 -21.75
C ALA A 270 -27.04 -17.55 -21.57
N SER A 271 -26.64 -18.16 -20.47
CA SER A 271 -26.97 -19.54 -20.23
C SER A 271 -28.47 -19.75 -20.00
N PRO A 272 -29.05 -20.75 -20.65
CA PRO A 272 -30.44 -21.10 -20.40
C PRO A 272 -30.60 -21.92 -19.11
N ASN A 273 -29.47 -22.16 -18.46
CA ASN A 273 -29.37 -23.07 -17.33
C ASN A 273 -28.90 -22.39 -16.06
N LYS A 274 -29.25 -21.13 -15.86
CA LYS A 274 -28.72 -20.39 -14.72
C LYS A 274 -29.14 -20.99 -13.38
N GLU A 275 -30.38 -21.44 -13.30
CA GLU A 275 -30.89 -22.02 -12.08
C GLU A 275 -30.20 -23.33 -11.73
N LEU A 276 -30.00 -24.18 -12.74
CA LEU A 276 -29.26 -25.42 -12.54
C LEU A 276 -27.82 -25.13 -12.12
N ALA A 277 -27.21 -24.10 -12.71
CA ALA A 277 -25.83 -23.77 -12.38
C ALA A 277 -25.71 -23.35 -10.90
N LYS A 278 -26.67 -22.56 -10.43
CA LYS A 278 -26.69 -22.18 -9.06
C LYS A 278 -26.88 -23.40 -8.14
N GLU A 279 -27.78 -24.31 -8.52
CA GLU A 279 -28.01 -25.53 -7.74
C GLU A 279 -26.70 -26.31 -7.64
N PHE A 280 -26.02 -26.50 -8.76
CA PHE A 280 -24.74 -27.20 -8.77
C PHE A 280 -23.75 -26.53 -7.84
N LEU A 281 -23.59 -25.21 -7.97
CA LEU A 281 -22.56 -24.52 -7.22
C LEU A 281 -22.86 -24.48 -5.71
N GLU A 282 -24.10 -24.21 -5.34
CA GLU A 282 -24.47 -24.07 -3.92
C GLU A 282 -24.62 -25.40 -3.21
N ASN A 283 -25.21 -26.37 -3.89
CA ASN A 283 -25.59 -27.61 -3.23
C ASN A 283 -24.64 -28.75 -3.47
N TYR A 284 -23.70 -28.59 -4.40
CA TYR A 284 -22.79 -29.68 -4.73
C TYR A 284 -21.35 -29.25 -4.58
N LEU A 285 -20.95 -28.21 -5.28
CA LEU A 285 -19.55 -27.80 -5.17
C LEU A 285 -19.20 -27.16 -3.82
N LEU A 286 -19.96 -26.15 -3.40
CA LEU A 286 -19.61 -25.43 -2.19
C LEU A 286 -20.16 -26.13 -0.95
N THR A 287 -19.78 -27.40 -0.84
CA THR A 287 -20.09 -28.23 0.32
C THR A 287 -18.77 -28.82 0.82
N ASP A 288 -18.74 -29.34 2.04
CA ASP A 288 -17.51 -29.97 2.49
C ASP A 288 -17.09 -31.10 1.54
N GLU A 289 -18.05 -31.88 1.10
CA GLU A 289 -17.75 -33.05 0.30
C GLU A 289 -17.30 -32.65 -1.09
N GLY A 290 -17.93 -31.61 -1.63
CA GLY A 290 -17.59 -31.08 -2.95
C GLY A 290 -16.20 -30.49 -3.01
N LEU A 291 -15.86 -29.60 -2.06
CA LEU A 291 -14.56 -28.98 -2.04
C LEU A 291 -13.48 -30.01 -1.73
N GLU A 292 -13.82 -31.04 -0.96
CA GLU A 292 -12.83 -32.10 -0.67
C GLU A 292 -12.45 -32.85 -1.94
N ALA A 293 -13.44 -33.13 -2.78
CA ALA A 293 -13.19 -33.79 -4.06
C ALA A 293 -12.23 -32.97 -4.95
N VAL A 294 -12.48 -31.68 -5.03
CA VAL A 294 -11.64 -30.83 -5.86
C VAL A 294 -10.25 -30.69 -5.24
N ASN A 295 -10.21 -30.47 -3.92
CA ASN A 295 -8.97 -30.23 -3.20
C ASN A 295 -8.04 -31.43 -3.24
N LYS A 296 -8.60 -32.61 -3.22
CA LYS A 296 -7.80 -33.82 -3.25
C LYS A 296 -7.19 -34.05 -4.63
N ASP A 297 -7.78 -33.44 -5.64
CA ASP A 297 -7.24 -33.46 -6.98
C ASP A 297 -6.10 -32.43 -7.08
N LYS A 298 -6.41 -31.14 -6.87
CA LYS A 298 -5.41 -30.10 -6.87
C LYS A 298 -5.82 -29.17 -5.79
N PRO A 299 -4.96 -28.97 -4.80
CA PRO A 299 -5.39 -28.14 -3.65
C PRO A 299 -5.84 -26.75 -4.05
N LEU A 300 -6.89 -26.29 -3.37
CA LEU A 300 -7.52 -25.00 -3.67
C LEU A 300 -6.92 -23.81 -2.92
N GLY A 301 -6.24 -24.06 -1.81
CA GLY A 301 -5.84 -22.98 -0.93
C GLY A 301 -6.76 -22.89 0.28
N ALA A 302 -7.14 -21.67 0.68
CA ALA A 302 -8.07 -21.47 1.78
C ALA A 302 -9.47 -21.35 1.23
N VAL A 303 -10.28 -22.37 1.43
CA VAL A 303 -11.55 -22.37 0.72
C VAL A 303 -12.51 -21.34 1.31
N ALA A 304 -13.44 -20.87 0.50
CA ALA A 304 -14.37 -19.83 0.89
C ALA A 304 -15.43 -20.35 1.89
N LEU A 305 -15.63 -21.66 1.89
CA LEU A 305 -16.66 -22.28 2.71
C LEU A 305 -16.10 -22.39 4.13
N LYS A 306 -16.71 -21.68 5.07
CA LYS A 306 -16.17 -21.57 6.41
C LYS A 306 -15.93 -22.93 7.05
N SER A 307 -16.91 -23.82 6.93
CA SER A 307 -16.85 -25.10 7.61
C SER A 307 -15.64 -25.94 7.19
N TYR A 308 -15.37 -25.97 5.89
CA TYR A 308 -14.25 -26.76 5.36
C TYR A 308 -12.92 -26.03 5.53
N GLU A 309 -12.95 -24.69 5.48
CA GLU A 309 -11.73 -23.93 5.65
C GLU A 309 -11.22 -24.25 7.05
N GLU A 310 -12.14 -24.32 8.01
CA GLU A 310 -11.76 -24.59 9.39
C GLU A 310 -11.10 -25.95 9.50
N GLU A 311 -11.62 -26.94 8.77
CA GLU A 311 -11.10 -28.30 8.84
C GLU A 311 -9.69 -28.42 8.29
N LEU A 312 -9.38 -27.66 7.23
CA LEU A 312 -8.06 -27.73 6.63
C LEU A 312 -7.03 -26.75 7.22
N ALA A 313 -7.45 -25.85 8.11
CA ALA A 313 -6.60 -24.68 8.43
C ALA A 313 -5.30 -25.07 9.13
N LYS A 314 -5.30 -26.26 9.69
CA LYS A 314 -4.15 -26.84 10.37
C LYS A 314 -3.04 -27.26 9.40
N ASP A 315 -3.33 -27.28 8.10
CA ASP A 315 -2.33 -27.67 7.10
C ASP A 315 -1.28 -26.57 7.06
N PRO A 316 -0.02 -26.89 7.39
CA PRO A 316 1.00 -25.84 7.37
C PRO A 316 1.18 -25.21 5.98
N ARG A 317 0.89 -25.92 4.90
CA ARG A 317 1.02 -25.36 3.56
C ARG A 317 0.02 -24.24 3.37
N ILE A 318 -1.16 -24.43 3.97
CA ILE A 318 -2.21 -23.44 3.86
C ILE A 318 -1.89 -22.27 4.75
N ALA A 319 -1.38 -22.54 5.94
CA ALA A 319 -0.90 -21.46 6.79
C ALA A 319 0.14 -20.57 6.09
N ALA A 320 1.09 -21.18 5.39
CA ALA A 320 2.13 -20.41 4.70
C ALA A 320 1.50 -19.63 3.56
N THR A 321 0.51 -20.23 2.89
CA THR A 321 -0.18 -19.58 1.77
C THR A 321 -0.79 -18.28 2.31
N MET A 322 -1.45 -18.37 3.46
CA MET A 322 -2.13 -17.21 4.03
C MET A 322 -1.19 -16.18 4.63
N GLU A 323 -0.02 -16.60 5.14
CA GLU A 323 0.99 -15.65 5.57
C GLU A 323 1.48 -14.85 4.36
N ASN A 324 1.72 -15.53 3.24
CA ASN A 324 2.14 -14.81 2.04
C ASN A 324 1.05 -13.89 1.53
N ALA A 325 -0.20 -14.34 1.63
CA ALA A 325 -1.34 -13.56 1.15
C ALA A 325 -1.50 -12.29 1.97
N GLN A 326 -1.22 -12.38 3.27
CA GLN A 326 -1.40 -11.23 4.17
C GLN A 326 -0.39 -10.16 3.91
N LYS A 327 0.77 -10.55 3.38
CA LYS A 327 1.89 -9.65 3.07
C LYS A 327 1.68 -9.03 1.70
N GLY A 328 0.81 -9.63 0.91
CA GLY A 328 0.58 -9.21 -0.47
C GLY A 328 -0.63 -8.32 -0.56
N GLU A 329 -1.17 -8.21 -1.77
CA GLU A 329 -2.34 -7.37 -2.05
C GLU A 329 -3.39 -8.17 -2.78
N ILE A 330 -4.64 -7.88 -2.48
CA ILE A 330 -5.75 -8.46 -3.22
C ILE A 330 -5.74 -7.90 -4.62
N MET A 331 -5.91 -8.75 -5.63
CA MET A 331 -6.03 -8.25 -6.99
C MET A 331 -7.25 -7.34 -7.11
N PRO A 332 -7.07 -6.21 -7.79
CA PRO A 332 -8.27 -5.47 -8.19
C PRO A 332 -9.12 -6.29 -9.14
N ASN A 333 -10.42 -6.05 -9.23
CA ASN A 333 -11.23 -6.73 -10.23
C ASN A 333 -11.71 -5.79 -11.32
N ILE A 334 -11.20 -4.56 -11.31
CA ILE A 334 -11.60 -3.58 -12.33
C ILE A 334 -11.26 -4.01 -13.76
N PRO A 335 -12.05 -3.56 -14.73
CA PRO A 335 -11.85 -3.92 -16.12
C PRO A 335 -10.41 -3.62 -16.59
N GLN A 336 -9.82 -2.54 -16.07
CA GLN A 336 -8.46 -2.15 -16.47
C GLN A 336 -7.39 -3.20 -16.13
N MET A 337 -7.71 -4.18 -15.32
CA MET A 337 -6.69 -5.17 -14.95
C MET A 337 -6.15 -5.95 -16.14
N SER A 338 -6.97 -6.15 -17.17
CA SER A 338 -6.50 -6.82 -18.38
C SER A 338 -5.34 -6.04 -19.00
N ALA A 339 -5.52 -4.72 -19.14
CA ALA A 339 -4.50 -3.84 -19.72
C ALA A 339 -3.23 -3.89 -18.90
N PHE A 340 -3.40 -3.84 -17.58
CA PHE A 340 -2.28 -3.95 -16.64
C PHE A 340 -1.52 -5.25 -16.84
N TRP A 341 -2.23 -6.37 -16.84
CA TRP A 341 -1.54 -7.66 -16.97
C TRP A 341 -0.80 -7.79 -18.31
N TYR A 342 -1.43 -7.38 -19.41
CA TYR A 342 -0.79 -7.52 -20.69
C TYR A 342 0.45 -6.65 -20.76
N ALA A 343 0.35 -5.45 -20.21
CA ALA A 343 1.47 -4.51 -20.22
C ALA A 343 2.65 -5.05 -19.42
N VAL A 344 2.37 -5.59 -18.23
CA VAL A 344 3.42 -6.09 -17.36
C VAL A 344 4.02 -7.39 -17.91
N ARG A 345 3.20 -8.21 -18.56
CA ARG A 345 3.72 -9.41 -19.19
C ARG A 345 4.78 -9.03 -20.22
N THR A 346 4.44 -8.08 -21.06
CA THR A 346 5.37 -7.63 -22.09
C THR A 346 6.66 -7.09 -21.49
N ALA A 347 6.55 -6.26 -20.47
CA ALA A 347 7.72 -5.67 -19.82
C ALA A 347 8.66 -6.72 -19.28
N VAL A 348 8.12 -7.71 -18.60
CA VAL A 348 9.01 -8.66 -17.93
C VAL A 348 9.70 -9.50 -19.00
N ILE A 349 8.97 -9.91 -20.01
CA ILE A 349 9.53 -10.80 -21.01
C ILE A 349 10.60 -10.04 -21.79
N ASN A 350 10.36 -8.77 -22.09
CA ASN A 350 11.33 -7.99 -22.86
C ASN A 350 12.55 -7.63 -22.04
N ALA A 351 12.36 -7.32 -20.75
CA ALA A 351 13.50 -6.98 -19.90
C ALA A 351 14.32 -8.26 -19.61
N ALA A 352 13.64 -9.37 -19.38
CA ALA A 352 14.34 -10.63 -19.03
C ALA A 352 15.18 -11.17 -20.18
N SER A 353 14.70 -10.99 -21.41
CA SER A 353 15.39 -11.52 -22.57
C SER A 353 16.48 -10.58 -23.06
N GLY A 354 16.53 -9.37 -22.53
CA GLY A 354 17.50 -8.39 -22.99
C GLY A 354 17.06 -7.57 -24.18
N ARG A 355 15.81 -7.71 -24.61
CA ARG A 355 15.38 -6.97 -25.79
C ARG A 355 15.17 -5.49 -25.49
N GLN A 356 14.83 -5.19 -24.26
CA GLN A 356 14.72 -3.81 -23.81
C GLN A 356 15.39 -3.67 -22.46
N THR A 357 15.79 -2.45 -22.13
CA THR A 357 16.28 -2.16 -20.82
C THR A 357 15.10 -2.20 -19.85
N VAL A 358 15.42 -2.38 -18.58
CA VAL A 358 14.40 -2.35 -17.54
C VAL A 358 13.69 -1.02 -17.53
N ASP A 359 14.43 0.09 -17.65
CA ASP A 359 13.80 1.40 -17.64
C ASP A 359 12.80 1.52 -18.81
N ALA A 360 13.19 1.07 -20.00
CA ALA A 360 12.34 1.24 -21.18
C ALA A 360 11.11 0.35 -21.08
N ALA A 361 11.33 -0.88 -20.61
CA ALA A 361 10.23 -1.84 -20.46
C ALA A 361 9.15 -1.33 -19.50
N LEU A 362 9.59 -0.87 -18.33
CA LEU A 362 8.66 -0.40 -17.31
C LEU A 362 8.02 0.94 -17.63
N ALA A 363 8.75 1.84 -18.29
CA ALA A 363 8.15 3.10 -18.67
C ALA A 363 7.06 2.87 -19.70
N ALA A 364 7.30 2.00 -20.66
CA ALA A 364 6.29 1.69 -21.65
C ALA A 364 5.10 0.99 -20.98
N ALA A 365 5.38 0.10 -20.05
CA ALA A 365 4.29 -0.63 -19.42
C ALA A 365 3.41 0.28 -18.55
N GLN A 366 4.02 1.25 -17.88
CA GLN A 366 3.31 2.26 -17.11
C GLN A 366 2.27 2.96 -17.97
N THR A 367 2.71 3.43 -19.13
CA THR A 367 1.79 4.11 -20.04
C THR A 367 0.69 3.17 -20.57
N ASN A 368 1.08 1.97 -20.98
CA ASN A 368 0.12 1.05 -21.54
C ASN A 368 -0.90 0.53 -20.53
N ALA A 369 -0.49 0.35 -19.28
CA ALA A 369 -1.40 -0.16 -18.27
C ALA A 369 -2.49 0.80 -17.95
N ALA A 370 -2.18 2.09 -18.08
CA ALA A 370 -3.15 3.14 -17.79
C ALA A 370 -3.93 3.63 -19.01
N ALA A 371 -3.63 3.12 -20.20
CA ALA A 371 -4.23 3.66 -21.41
C ALA A 371 -5.71 3.39 -21.48
N ASP A 372 -6.44 4.35 -22.04
CA ASP A 372 -7.87 4.26 -22.22
C ASP A 372 -8.20 3.99 -23.67
N ASP A 373 -9.37 3.41 -23.89
CA ASP A 373 -9.97 3.50 -25.21
C ASP A 373 -10.37 4.95 -25.45
N PRO A 374 -9.72 5.62 -26.42
CA PRO A 374 -9.94 7.03 -26.76
C PRO A 374 -11.41 7.41 -26.90
N ILE A 375 -12.17 6.56 -27.59
CA ILE A 375 -13.51 6.92 -28.06
C ILE A 375 -14.61 6.44 -27.12
N GLY A 376 -14.50 5.20 -26.65
CA GLY A 376 -15.31 4.74 -25.56
C GLY A 376 -16.63 4.12 -25.95
N LEU A 377 -16.69 3.62 -27.18
CA LEU A 377 -17.88 2.92 -27.65
C LEU A 377 -17.75 1.42 -27.52
N PHE A 378 -16.70 0.82 -28.09
CA PHE A 378 -16.57 -0.63 -27.99
C PHE A 378 -16.14 -1.05 -26.59
N LEU A 379 -16.87 -2.02 -26.04
CA LEU A 379 -16.44 -2.78 -24.85
C LEU A 379 -15.82 -4.09 -25.29
N MET A 380 -16.32 -4.64 -26.37
CA MET A 380 -15.73 -5.84 -26.96
C MET A 380 -15.81 -5.74 -28.48
N ARG A 381 -14.66 -5.92 -29.16
CA ARG A 381 -14.64 -5.92 -30.62
C ARG A 381 -14.67 -7.34 -31.19
N PRO A 382 -15.27 -7.52 -32.37
CA PRO A 382 -15.24 -8.85 -33.01
C PRO A 382 -13.81 -9.21 -33.39
N GLN A 383 -13.47 -10.47 -33.26
CA GLN A 383 -12.10 -10.91 -33.52
C GLN A 383 -12.05 -11.78 -34.76
N ASP A 384 -10.87 -11.95 -35.34
CA ASP A 384 -10.72 -12.83 -36.50
C ASP A 384 -11.35 -14.18 -36.18
N GLY A 385 -11.90 -14.82 -37.21
CA GLY A 385 -12.58 -16.08 -37.05
C GLY A 385 -12.15 -17.09 -38.09
N GLU A 386 -12.43 -18.36 -37.82
CA GLU A 386 -12.22 -19.38 -38.83
C GLU A 386 -13.45 -20.26 -38.82
N VAL A 387 -13.79 -20.79 -39.98
CA VAL A 387 -14.99 -21.59 -40.16
C VAL A 387 -14.71 -22.61 -41.26
N THR A 388 -15.37 -23.76 -41.18
CA THR A 388 -15.25 -24.73 -42.26
C THR A 388 -16.33 -24.48 -43.29
N VAL A 389 -16.05 -24.81 -44.54
CA VAL A 389 -17.03 -24.64 -45.61
C VAL A 389 -18.31 -25.34 -45.19
N GLY A 390 -19.44 -24.64 -45.30
CA GLY A 390 -20.72 -25.20 -44.88
C GLY A 390 -21.05 -24.95 -43.42
N GLY A 391 -20.06 -24.50 -42.64
CA GLY A 391 -20.24 -24.22 -41.23
C GLY A 391 -20.84 -22.83 -40.98
N SER A 392 -21.06 -22.54 -39.71
CA SER A 392 -21.63 -21.26 -39.29
C SER A 392 -20.69 -20.57 -38.31
N ILE A 393 -20.67 -19.24 -38.34
CA ILE A 393 -19.86 -18.51 -37.38
C ILE A 393 -20.58 -17.22 -37.02
N VAL A 394 -20.41 -16.81 -35.77
CA VAL A 394 -21.01 -15.60 -35.23
C VAL A 394 -19.92 -14.64 -34.79
N PHE A 395 -19.96 -13.42 -35.34
CA PHE A 395 -19.08 -12.37 -34.89
C PHE A 395 -19.88 -11.40 -34.06
N SER A 396 -19.30 -10.86 -32.99
CA SER A 396 -20.01 -10.03 -32.03
C SER A 396 -19.27 -8.75 -31.65
N ALA A 397 -20.05 -7.72 -31.35
CA ALA A 397 -19.54 -6.51 -30.79
C ALA A 397 -20.40 -6.14 -29.59
N ARG A 398 -19.76 -5.63 -28.55
CA ARG A 398 -20.48 -5.08 -27.41
C ARG A 398 -20.12 -3.63 -27.24
N VAL A 399 -21.13 -2.80 -27.03
CA VAL A 399 -21.00 -1.36 -26.99
C VAL A 399 -21.63 -0.82 -25.73
N ALA A 400 -20.92 0.06 -25.07
CA ALA A 400 -21.42 0.73 -23.88
C ALA A 400 -22.55 1.71 -24.24
N GLY A 401 -23.70 1.51 -23.61
CA GLY A 401 -24.81 2.42 -23.81
C GLY A 401 -24.51 3.72 -23.09
N ALA A 402 -25.11 4.81 -23.56
CA ALA A 402 -24.97 6.11 -22.93
C ALA A 402 -26.34 6.81 -22.97
N SER A 403 -26.58 7.67 -23.95
CA SER A 403 -27.88 8.29 -24.10
C SER A 403 -28.97 7.24 -24.00
N LEU A 404 -30.03 7.54 -23.27
CA LEU A 404 -31.16 6.62 -23.18
C LEU A 404 -32.02 6.76 -24.41
N LEU A 405 -31.94 7.93 -25.05
CA LEU A 405 -32.88 8.24 -26.13
C LEU A 405 -32.34 7.82 -27.48
N LYS A 406 -31.01 7.83 -27.61
CA LYS A 406 -30.39 7.63 -28.92
C LYS A 406 -29.34 6.54 -28.85
N PRO A 407 -29.77 5.29 -29.07
CA PRO A 407 -28.83 4.16 -28.96
C PRO A 407 -27.70 4.21 -29.98
N PRO A 408 -26.61 3.50 -29.70
CA PRO A 408 -25.58 3.31 -30.73
C PRO A 408 -26.16 2.45 -31.83
N VAL A 409 -25.65 2.65 -33.03
CA VAL A 409 -26.07 1.91 -34.22
C VAL A 409 -24.84 1.24 -34.83
N VAL A 410 -25.00 -0.01 -35.25
CA VAL A 410 -23.87 -0.73 -35.81
C VAL A 410 -24.14 -1.07 -37.26
N LYS A 411 -23.09 -1.00 -38.07
CA LYS A 411 -23.17 -1.50 -39.43
C LYS A 411 -21.99 -2.41 -39.67
N TRP A 412 -22.24 -3.49 -40.39
CA TRP A 412 -21.20 -4.47 -40.70
C TRP A 412 -20.90 -4.44 -42.19
N PHE A 413 -19.63 -4.52 -42.55
CA PHE A 413 -19.26 -4.50 -43.96
C PHE A 413 -18.32 -5.64 -44.32
N LYS A 414 -18.40 -6.10 -45.55
CA LYS A 414 -17.34 -6.94 -46.10
C LYS A 414 -16.56 -6.10 -47.11
N GLY A 415 -15.25 -6.03 -46.93
CA GLY A 415 -14.44 -5.21 -47.80
C GLY A 415 -14.69 -3.74 -47.56
N LYS A 416 -14.46 -2.94 -48.58
CA LYS A 416 -14.52 -1.48 -48.43
C LYS A 416 -15.94 -0.97 -48.25
N TRP A 417 -16.90 -1.51 -49.00
CA TRP A 417 -18.21 -0.86 -49.04
C TRP A 417 -19.46 -1.74 -48.93
N VAL A 418 -19.35 -3.07 -48.99
CA VAL A 418 -20.55 -3.90 -49.00
C VAL A 418 -21.21 -3.94 -47.61
N ASP A 419 -22.35 -3.26 -47.48
CA ASP A 419 -23.03 -3.18 -46.20
C ASP A 419 -23.87 -4.45 -46.10
N LEU A 420 -23.60 -5.25 -45.08
CA LEU A 420 -24.12 -6.61 -45.01
C LEU A 420 -25.60 -6.66 -44.67
N SER A 421 -26.16 -5.54 -44.24
CA SER A 421 -27.60 -5.51 -44.05
C SER A 421 -28.29 -5.68 -45.41
N SER A 422 -27.56 -5.40 -46.50
CA SER A 422 -28.08 -5.56 -47.85
C SER A 422 -27.89 -7.01 -48.33
N LYS A 423 -27.24 -7.84 -47.50
CA LYS A 423 -27.05 -9.24 -47.86
C LYS A 423 -27.70 -10.22 -46.92
N VAL A 424 -28.53 -9.74 -45.99
CA VAL A 424 -29.26 -10.64 -45.13
C VAL A 424 -30.06 -11.53 -46.05
N GLY A 425 -30.02 -12.82 -45.81
CA GLY A 425 -30.75 -13.74 -46.65
C GLY A 425 -30.63 -15.10 -46.03
N GLN A 426 -30.61 -16.11 -46.87
CA GLN A 426 -30.56 -17.45 -46.37
C GLN A 426 -29.28 -17.71 -45.59
N HIS A 427 -28.19 -17.06 -45.99
CA HIS A 427 -26.86 -17.35 -45.46
C HIS A 427 -26.23 -16.25 -44.56
N LEU A 428 -27.00 -15.27 -44.12
CA LEU A 428 -26.46 -14.23 -43.27
C LEU A 428 -27.58 -13.64 -42.46
N GLN A 429 -27.35 -13.43 -41.16
CA GLN A 429 -28.30 -12.78 -40.32
C GLN A 429 -27.62 -11.72 -39.47
N LEU A 430 -28.37 -10.71 -39.10
CA LEU A 430 -27.89 -9.69 -38.19
C LEU A 430 -28.83 -9.69 -37.00
N HIS A 431 -28.26 -9.71 -35.79
CA HIS A 431 -29.04 -9.77 -34.55
C HIS A 431 -28.57 -8.71 -33.59
N ASP A 432 -29.48 -7.84 -33.13
CA ASP A 432 -29.12 -6.88 -32.07
C ASP A 432 -29.94 -7.06 -30.78
N SER A 433 -29.32 -6.75 -29.65
CA SER A 433 -30.05 -6.80 -28.38
C SER A 433 -29.46 -5.78 -27.39
N TYR A 434 -30.23 -5.47 -26.36
CA TYR A 434 -29.80 -4.58 -25.32
C TYR A 434 -30.11 -5.20 -23.98
N ASP A 435 -29.18 -5.09 -23.04
CA ASP A 435 -29.42 -5.57 -21.68
C ASP A 435 -29.44 -4.40 -20.72
N ARG A 436 -30.61 -4.04 -20.21
CA ARG A 436 -30.68 -2.84 -19.40
C ARG A 436 -30.01 -3.03 -18.04
N ALA A 437 -29.82 -4.29 -17.62
CA ALA A 437 -29.12 -4.57 -16.35
C ALA A 437 -27.67 -4.13 -16.40
N SER A 438 -27.01 -4.35 -17.54
CA SER A 438 -25.62 -3.98 -17.72
C SER A 438 -25.42 -2.69 -18.52
N LYS A 439 -26.51 -2.21 -19.13
CA LYS A 439 -26.46 -1.09 -20.07
C LYS A 439 -25.49 -1.35 -21.23
N VAL A 440 -25.53 -2.58 -21.72
CA VAL A 440 -24.67 -3.02 -22.81
C VAL A 440 -25.50 -3.43 -24.04
N TYR A 441 -25.09 -2.91 -25.19
CA TYR A 441 -25.68 -3.28 -26.49
C TYR A 441 -24.85 -4.40 -27.11
N LEU A 442 -25.52 -5.47 -27.54
CA LEU A 442 -24.85 -6.56 -28.21
C LEU A 442 -25.31 -6.59 -29.67
N PHE A 443 -24.34 -6.65 -30.59
CA PHE A 443 -24.60 -6.71 -32.01
C PHE A 443 -23.91 -7.94 -32.57
N GLU A 444 -24.64 -8.74 -33.31
CA GLU A 444 -24.10 -9.99 -33.87
C GLU A 444 -24.26 -10.08 -35.38
N LEU A 445 -23.22 -10.60 -36.04
CA LEU A 445 -23.30 -10.93 -37.43
C LEU A 445 -23.14 -12.43 -37.55
N HIS A 446 -24.12 -13.10 -38.16
CA HIS A 446 -24.13 -14.56 -38.32
C HIS A 446 -23.93 -14.91 -39.77
N ILE A 447 -22.88 -15.68 -40.02
CA ILE A 447 -22.59 -16.20 -41.35
C ILE A 447 -22.84 -17.69 -41.32
N THR A 448 -23.74 -18.16 -42.18
CA THR A 448 -24.13 -19.59 -42.25
C THR A 448 -23.80 -20.20 -43.62
N ASP A 449 -23.74 -21.53 -43.68
CA ASP A 449 -23.35 -22.21 -44.91
C ASP A 449 -22.14 -21.52 -45.56
N ALA A 450 -21.12 -21.30 -44.76
CA ALA A 450 -19.94 -20.54 -45.17
C ALA A 450 -19.34 -21.10 -46.46
N GLN A 451 -18.95 -20.20 -47.37
CA GLN A 451 -18.31 -20.60 -48.60
C GLN A 451 -16.96 -19.91 -48.72
N THR A 452 -16.13 -20.43 -49.62
CA THR A 452 -14.82 -19.86 -49.88
C THR A 452 -14.90 -18.34 -50.08
N THR A 453 -15.95 -17.91 -50.77
CA THR A 453 -16.16 -16.50 -51.08
C THR A 453 -16.41 -15.66 -49.82
N SER A 454 -16.89 -16.30 -48.76
CA SER A 454 -17.15 -15.61 -47.49
C SER A 454 -15.89 -15.11 -46.84
N ALA A 455 -14.75 -15.66 -47.22
CA ALA A 455 -13.49 -15.35 -46.56
C ALA A 455 -12.99 -13.93 -46.83
N GLY A 456 -12.26 -13.37 -45.87
CA GLY A 456 -11.54 -12.12 -46.09
C GLY A 456 -11.82 -11.12 -44.99
N GLY A 457 -11.52 -9.86 -45.27
CA GLY A 457 -11.72 -8.79 -44.34
C GLY A 457 -13.13 -8.20 -44.29
N TYR A 458 -13.50 -7.90 -43.05
CA TYR A 458 -14.77 -7.33 -42.67
C TYR A 458 -14.51 -6.13 -41.76
N ARG A 459 -15.56 -5.35 -41.55
CA ARG A 459 -15.50 -4.17 -40.69
C ARG A 459 -16.79 -4.01 -39.91
N CYS A 460 -16.64 -3.62 -38.65
CA CYS A 460 -17.77 -3.31 -37.78
C CYS A 460 -17.69 -1.82 -37.43
N GLU A 461 -18.72 -1.06 -37.77
CA GLU A 461 -18.77 0.39 -37.51
C GLU A 461 -19.84 0.67 -36.49
N VAL A 462 -19.49 1.44 -35.46
CA VAL A 462 -20.44 1.85 -34.43
C VAL A 462 -20.51 3.35 -34.36
N SER A 463 -21.71 3.89 -34.27
CA SER A 463 -21.86 5.35 -34.27
C SER A 463 -22.94 5.76 -33.34
N THR A 464 -22.76 6.95 -32.76
CA THR A 464 -23.79 7.60 -31.97
C THR A 464 -23.93 8.96 -32.59
N LYS A 465 -24.69 9.86 -31.96
CA LYS A 465 -24.88 11.16 -32.57
C LYS A 465 -23.54 11.86 -32.84
N ASP A 466 -22.61 11.73 -31.90
CA ASP A 466 -21.38 12.54 -31.96
C ASP A 466 -20.07 11.73 -32.04
N LYS A 467 -20.12 10.42 -31.91
CA LYS A 467 -18.91 9.63 -31.97
C LYS A 467 -19.01 8.52 -32.98
N PHE A 468 -17.87 7.97 -33.34
CA PHE A 468 -17.78 6.91 -34.32
C PHE A 468 -16.55 6.11 -33.99
N ASP A 469 -16.63 4.78 -34.13
CA ASP A 469 -15.43 3.96 -34.09
C ASP A 469 -15.64 2.79 -35.01
N SER A 470 -14.58 2.11 -35.41
CA SER A 470 -14.74 0.96 -36.25
C SER A 470 -13.56 0.06 -36.06
N CYS A 471 -13.76 -1.22 -36.36
CA CYS A 471 -12.66 -2.16 -36.31
C CYS A 471 -12.77 -3.15 -37.43
N ASN A 472 -11.63 -3.71 -37.79
CA ASN A 472 -11.53 -4.74 -38.81
C ASN A 472 -11.32 -6.12 -38.22
N PHE A 473 -11.76 -7.12 -38.96
CA PHE A 473 -11.52 -8.48 -38.56
C PHE A 473 -11.58 -9.35 -39.80
N ASN A 474 -11.02 -10.55 -39.69
CA ASN A 474 -10.85 -11.40 -40.85
C ASN A 474 -11.59 -12.72 -40.63
N LEU A 475 -12.16 -13.27 -41.70
CA LEU A 475 -12.73 -14.63 -41.69
C LEU A 475 -11.89 -15.52 -42.62
N THR A 476 -11.40 -16.61 -42.05
CA THR A 476 -10.73 -17.69 -42.79
C THR A 476 -11.70 -18.86 -42.94
N VAL A 477 -11.83 -19.34 -44.18
CA VAL A 477 -12.72 -20.43 -44.50
C VAL A 477 -11.90 -21.67 -44.88
N HIS A 478 -12.04 -22.75 -44.09
CA HIS A 478 -11.28 -23.98 -44.30
C HIS A 478 -12.10 -25.04 -45.01
N GLU A 479 -11.47 -25.73 -45.96
CA GLU A 479 -12.09 -26.87 -46.60
C GLU A 479 -12.31 -28.01 -45.59
N ALA A 480 -13.41 -28.73 -45.75
CA ALA A 480 -13.77 -29.77 -44.78
C ALA A 480 -12.82 -30.96 -44.91
N ILE A 481 -12.46 -31.55 -43.76
CA ILE A 481 -11.63 -32.76 -43.75
C ILE A 481 -12.46 -33.93 -44.26
N GLY A 482 -11.90 -34.68 -45.19
CA GLY A 482 -12.63 -35.77 -45.80
C GLY A 482 -13.29 -35.36 -47.11
N SER A 483 -13.23 -34.06 -47.43
CA SER A 483 -13.65 -33.57 -48.74
C SER A 483 -12.52 -33.82 -49.71
N GLY A 484 -11.34 -33.97 -49.15
CA GLY A 484 -10.14 -34.32 -49.90
C GLY A 484 -9.29 -35.06 -48.90
N ASP A 485 -8.82 -36.25 -49.24
CA ASP A 485 -9.02 -36.85 -50.56
C ASP A 485 -10.26 -37.74 -50.65
N GLU B 5 -14.63 28.67 -4.45
CA GLU B 5 -14.40 28.75 -3.00
C GLU B 5 -14.35 27.31 -2.41
N GLY B 6 -13.82 27.18 -1.20
CA GLY B 6 -13.35 25.91 -0.68
C GLY B 6 -12.40 26.22 0.47
N LYS B 7 -11.83 25.19 1.09
CA LYS B 7 -11.02 25.39 2.30
C LYS B 7 -9.94 24.34 2.53
N LEU B 8 -8.79 24.80 3.02
CA LEU B 8 -7.74 23.90 3.50
C LEU B 8 -7.35 24.28 4.94
N VAL B 9 -7.25 23.30 5.82
CA VAL B 9 -6.78 23.54 7.17
C VAL B 9 -5.40 22.88 7.31
N ILE B 10 -4.44 23.66 7.82
CA ILE B 10 -3.06 23.22 7.96
C ILE B 10 -2.58 23.34 9.41
N TRP B 11 -1.95 22.29 9.90
CA TRP B 11 -1.31 22.34 11.22
C TRP B 11 0.20 22.30 11.07
N ILE B 12 0.88 23.12 11.85
CA ILE B 12 2.34 23.24 11.76
C ILE B 12 2.81 23.64 13.17
N ASN B 13 4.02 23.24 13.56
CA ASN B 13 4.50 23.55 14.90
C ASN B 13 4.74 25.03 15.11
N GLY B 14 4.52 25.46 16.35
CA GLY B 14 4.61 26.86 16.66
C GLY B 14 6.01 27.44 16.59
N ASP B 15 7.02 26.64 16.31
CA ASP B 15 8.35 27.21 16.15
C ASP B 15 8.74 27.46 14.71
N LYS B 16 7.84 27.13 13.81
CA LYS B 16 8.08 27.26 12.37
C LYS B 16 7.37 28.51 11.83
N GLY B 17 7.64 28.83 10.56
CA GLY B 17 7.14 30.02 9.90
C GLY B 17 5.69 29.99 9.51
N TYR B 18 4.81 29.90 10.51
CA TYR B 18 3.41 29.74 10.22
C TYR B 18 2.82 31.02 9.60
N ASN B 19 3.39 32.17 9.94
CA ASN B 19 2.91 33.40 9.30
C ASN B 19 3.31 33.45 7.81
N GLY B 20 4.55 33.07 7.51
CA GLY B 20 4.96 32.95 6.13
C GLY B 20 4.14 31.93 5.31
N LEU B 21 3.82 30.78 5.92
CA LEU B 21 2.99 29.76 5.28
C LEU B 21 1.59 30.33 5.05
N ALA B 22 1.12 31.13 5.99
CA ALA B 22 -0.17 31.77 5.79
C ALA B 22 -0.20 32.77 4.64
N GLU B 23 0.90 33.48 4.42
CA GLU B 23 1.03 34.34 3.25
C GLU B 23 0.97 33.55 1.96
N VAL B 24 1.57 32.36 1.96
CA VAL B 24 1.44 31.50 0.80
C VAL B 24 -0.02 31.07 0.62
N GLY B 25 -0.64 30.71 1.73
CA GLY B 25 -2.07 30.46 1.72
C GLY B 25 -2.93 31.59 1.17
N LYS B 26 -2.56 32.83 1.46
CA LYS B 26 -3.31 33.98 0.96
C LYS B 26 -3.17 34.15 -0.55
N LYS B 27 -1.98 33.88 -1.07
CA LYS B 27 -1.78 33.86 -2.51
C LYS B 27 -2.63 32.76 -3.14
N PHE B 28 -2.65 31.57 -2.54
CA PHE B 28 -3.50 30.47 -3.04
C PHE B 28 -4.96 30.90 -3.08
N GLU B 29 -5.41 31.59 -2.03
CA GLU B 29 -6.80 32.04 -1.95
C GLU B 29 -7.11 33.04 -3.06
N LYS B 30 -6.16 33.93 -3.33
CA LYS B 30 -6.37 34.98 -4.32
C LYS B 30 -6.47 34.41 -5.75
N ASP B 31 -5.66 33.41 -6.06
CA ASP B 31 -5.67 32.79 -7.39
C ASP B 31 -6.77 31.77 -7.58
N THR B 32 -7.34 31.31 -6.48
CA THR B 32 -8.02 30.02 -6.49
C THR B 32 -9.38 30.04 -5.77
N GLY B 33 -9.56 30.92 -4.79
CA GLY B 33 -10.81 31.02 -4.06
C GLY B 33 -10.85 30.15 -2.81
N ILE B 34 -9.86 29.31 -2.66
CA ILE B 34 -9.79 28.38 -1.55
C ILE B 34 -9.04 29.05 -0.38
N LYS B 35 -9.73 29.19 0.72
CA LYS B 35 -9.18 29.80 1.91
C LYS B 35 -8.26 28.80 2.61
N VAL B 36 -7.10 29.28 3.05
CA VAL B 36 -6.16 28.44 3.79
C VAL B 36 -6.07 28.98 5.21
N THR B 37 -6.24 28.09 6.16
CA THR B 37 -6.08 28.45 7.55
C THR B 37 -4.94 27.65 8.15
N VAL B 38 -3.97 28.37 8.71
CA VAL B 38 -2.86 27.73 9.38
C VAL B 38 -3.01 27.84 10.89
N GLU B 39 -2.90 26.71 11.57
CA GLU B 39 -2.93 26.67 13.03
C GLU B 39 -1.65 26.04 13.57
N HIS B 40 -1.31 26.41 14.80
CA HIS B 40 -0.20 25.72 15.47
C HIS B 40 -0.59 25.23 16.86
N PRO B 41 -1.49 24.23 16.91
CA PRO B 41 -1.95 23.72 18.21
C PRO B 41 -0.82 23.15 19.05
N ASP B 42 -0.91 23.29 20.36
CA ASP B 42 0.10 22.64 21.19
C ASP B 42 -0.09 21.14 21.08
N LYS B 43 1.02 20.41 21.08
CA LYS B 43 1.01 18.94 20.99
C LYS B 43 0.23 18.42 19.78
N LEU B 44 0.31 19.13 18.65
CA LEU B 44 -0.45 18.80 17.45
C LEU B 44 -0.10 17.40 16.97
N GLU B 45 1.13 16.97 17.24
CA GLU B 45 1.59 15.69 16.74
C GLU B 45 1.00 14.57 17.57
N GLU B 46 0.62 14.89 18.80
CA GLU B 46 -0.03 13.91 19.66
C GLU B 46 -1.53 13.89 19.42
N LYS B 47 -2.11 15.05 19.17
CA LYS B 47 -3.53 15.14 18.89
C LYS B 47 -3.95 14.57 17.52
N PHE B 48 -3.08 14.66 16.52
CA PHE B 48 -3.50 14.39 15.14
C PHE B 48 -4.16 13.01 14.96
N PRO B 49 -3.54 11.95 15.46
CA PRO B 49 -4.18 10.62 15.31
C PRO B 49 -5.61 10.59 15.79
N GLN B 50 -5.88 11.17 16.95
CA GLN B 50 -7.23 11.14 17.53
C GLN B 50 -8.25 11.89 16.69
N VAL B 51 -7.85 13.01 16.09
CA VAL B 51 -8.80 13.85 15.37
C VAL B 51 -8.81 13.62 13.87
N ALA B 52 -7.86 12.85 13.36
CA ALA B 52 -7.65 12.78 11.91
C ALA B 52 -8.91 12.47 11.10
N ALA B 53 -9.74 11.54 11.57
CA ALA B 53 -10.91 11.12 10.80
C ALA B 53 -12.22 11.63 11.36
N THR B 54 -12.18 12.65 12.21
CA THR B 54 -13.40 13.11 12.88
C THR B 54 -14.06 14.31 12.20
N GLY B 55 -13.28 15.07 11.45
CA GLY B 55 -13.77 16.30 10.83
C GLY B 55 -13.15 17.50 11.51
N ASP B 56 -12.56 17.28 12.68
CA ASP B 56 -11.82 18.31 13.39
C ASP B 56 -10.32 18.23 13.08
N GLY B 57 -9.93 17.25 12.27
CA GLY B 57 -8.53 17.12 11.87
C GLY B 57 -8.18 18.03 10.70
N PRO B 58 -6.89 18.34 10.56
CA PRO B 58 -6.36 19.19 9.47
C PRO B 58 -6.28 18.41 8.17
N ASP B 59 -6.26 19.12 7.05
CA ASP B 59 -6.04 18.50 5.74
C ASP B 59 -4.58 18.17 5.57
N ILE B 60 -3.72 19.04 6.09
CA ILE B 60 -2.28 18.89 5.96
C ILE B 60 -1.63 19.03 7.34
N ILE B 61 -0.73 18.13 7.64
CA ILE B 61 0.02 18.21 8.90
C ILE B 61 1.53 18.31 8.60
N PHE B 62 2.17 19.32 9.19
CA PHE B 62 3.60 19.47 9.05
C PHE B 62 4.31 18.99 10.32
N TRP B 63 5.35 18.17 10.12
CA TRP B 63 6.24 17.76 11.20
C TRP B 63 7.53 17.27 10.59
N ALA B 64 8.58 17.07 11.40
CA ALA B 64 9.72 16.34 10.90
C ALA B 64 9.27 14.94 10.55
N HIS B 65 10.03 14.33 9.64
CA HIS B 65 9.65 13.06 9.06
C HIS B 65 9.60 11.89 10.06
N ASP B 66 10.25 12.03 11.22
CA ASP B 66 10.31 10.92 12.19
C ASP B 66 8.92 10.45 12.65
N ARG B 67 7.95 11.34 12.70
CA ARG B 67 6.64 10.93 13.21
C ARG B 67 5.82 10.20 12.20
N PHE B 68 6.20 10.27 10.93
CA PHE B 68 5.25 9.93 9.89
C PHE B 68 5.15 8.45 9.64
N GLY B 69 6.17 7.68 9.99
CA GLY B 69 6.04 6.24 9.86
C GLY B 69 4.92 5.70 10.75
N GLY B 70 4.87 6.17 12.00
CA GLY B 70 3.82 5.76 12.90
C GLY B 70 2.45 6.18 12.40
N TYR B 71 2.37 7.38 11.88
CA TYR B 71 1.11 7.84 11.30
C TYR B 71 0.71 6.95 10.12
N ALA B 72 1.65 6.65 9.23
CA ALA B 72 1.33 5.79 8.09
C ALA B 72 0.92 4.36 8.53
N GLN B 73 1.59 3.81 9.53
CA GLN B 73 1.24 2.48 10.01
C GLN B 73 -0.21 2.44 10.45
N SER B 74 -0.70 3.55 10.99
CA SER B 74 -2.07 3.65 11.49
C SER B 74 -3.05 4.08 10.39
N GLY B 75 -2.53 4.28 9.17
CA GLY B 75 -3.39 4.55 8.02
C GLY B 75 -3.87 5.99 7.95
N LEU B 76 -3.16 6.88 8.64
CA LEU B 76 -3.58 8.27 8.75
C LEU B 76 -3.22 9.16 7.54
N LEU B 77 -2.24 8.74 6.75
CA LEU B 77 -1.68 9.63 5.69
C LEU B 77 -1.99 9.14 4.30
N ALA B 78 -2.40 10.08 3.45
CA ALA B 78 -2.63 9.79 2.03
C ALA B 78 -1.30 9.48 1.34
N GLU B 79 -1.32 8.46 0.48
CA GLU B 79 -0.15 8.15 -0.31
C GLU B 79 0.07 9.22 -1.37
N ILE B 80 1.32 9.64 -1.49
CA ILE B 80 1.70 10.59 -2.51
C ILE B 80 2.32 9.85 -3.69
N THR B 81 1.79 10.13 -4.87
CA THR B 81 2.26 9.47 -6.08
C THR B 81 2.47 10.53 -7.13
N PRO B 82 3.56 11.31 -6.96
CA PRO B 82 3.84 12.44 -7.84
C PRO B 82 4.30 12.04 -9.24
N ASP B 83 4.09 12.90 -10.23
CA ASP B 83 4.63 12.67 -11.56
C ASP B 83 6.14 12.90 -11.51
N LYS B 84 6.85 12.28 -12.45
CA LYS B 84 8.27 12.48 -12.54
C LYS B 84 8.65 13.94 -12.57
N ALA B 85 7.94 14.75 -13.35
CA ALA B 85 8.27 16.17 -13.47
C ALA B 85 8.38 16.85 -12.12
N PHE B 86 7.45 16.56 -11.21
CA PHE B 86 7.55 17.17 -9.89
C PHE B 86 8.55 16.47 -9.00
N GLN B 87 8.56 15.16 -9.05
CA GLN B 87 9.48 14.44 -8.20
C GLN B 87 10.93 14.92 -8.42
N ASP B 88 11.29 15.19 -9.67
CA ASP B 88 12.64 15.61 -10.02
C ASP B 88 13.02 16.97 -9.47
N LYS B 89 12.03 17.76 -9.04
CA LYS B 89 12.33 19.10 -8.51
C LYS B 89 12.93 19.08 -7.10
N LEU B 90 12.72 17.99 -6.37
CA LEU B 90 13.21 17.85 -5.00
C LEU B 90 14.35 16.85 -4.88
N TYR B 91 15.25 17.07 -3.92
CA TYR B 91 16.35 16.13 -3.72
C TYR B 91 15.87 14.71 -3.35
N PRO B 92 16.46 13.69 -3.98
CA PRO B 92 16.10 12.32 -3.63
C PRO B 92 16.24 12.02 -2.14
N PHE B 93 17.25 12.60 -1.48
CA PHE B 93 17.46 12.39 -0.03
C PHE B 93 16.20 12.76 0.74
N THR B 94 15.59 13.84 0.30
CA THR B 94 14.42 14.36 1.01
C THR B 94 13.21 13.49 0.74
N TRP B 95 13.04 13.03 -0.49
CA TRP B 95 12.01 11.98 -0.73
C TRP B 95 12.24 10.72 0.10
N ASP B 96 13.48 10.28 0.24
CA ASP B 96 13.80 9.08 1.02
C ASP B 96 13.29 9.19 2.46
N ALA B 97 13.35 10.40 3.02
CA ALA B 97 12.93 10.62 4.39
C ALA B 97 11.43 10.38 4.56
N VAL B 98 10.66 10.59 3.49
CA VAL B 98 9.22 10.43 3.57
C VAL B 98 8.73 9.14 2.92
N ARG B 99 9.63 8.20 2.76
CA ARG B 99 9.26 6.89 2.23
C ARG B 99 9.06 5.92 3.37
N TYR B 100 7.92 5.24 3.37
CA TYR B 100 7.60 4.27 4.39
C TYR B 100 7.09 2.99 3.74
N ASN B 101 7.89 1.92 3.85
CA ASN B 101 7.53 0.62 3.30
C ASN B 101 7.06 0.71 1.86
N GLY B 102 7.84 1.41 1.04
CA GLY B 102 7.54 1.46 -0.38
C GLY B 102 6.63 2.57 -0.83
N LYS B 103 6.04 3.32 0.10
CA LYS B 103 5.17 4.40 -0.29
C LYS B 103 5.72 5.74 0.17
N LEU B 104 5.57 6.77 -0.67
CA LEU B 104 5.77 8.14 -0.24
C LEU B 104 4.55 8.59 0.54
N ILE B 105 4.78 9.12 1.75
CA ILE B 105 3.71 9.39 2.69
C ILE B 105 3.61 10.89 3.06
N ALA B 106 4.42 11.72 2.40
CA ALA B 106 4.40 13.17 2.64
C ALA B 106 5.14 13.87 1.49
N TYR B 107 5.07 15.20 1.47
CA TYR B 107 5.97 16.01 0.65
C TYR B 107 7.09 16.54 1.56
N PRO B 108 8.34 16.35 1.16
CA PRO B 108 9.45 16.88 1.97
C PRO B 108 9.61 18.37 1.71
N ILE B 109 9.96 19.13 2.75
CA ILE B 109 10.07 20.59 2.65
C ILE B 109 11.51 21.07 2.86
N ALA B 110 12.20 20.59 3.89
CA ALA B 110 13.51 21.12 4.25
C ALA B 110 14.26 20.24 5.23
N VAL B 111 15.59 20.31 5.15
CA VAL B 111 16.47 19.54 6.02
C VAL B 111 16.98 20.44 7.16
N GLU B 112 16.79 19.95 8.39
CA GLU B 112 17.15 20.71 9.59
C GLU B 112 18.14 19.91 10.41
N ALA B 113 19.05 20.59 11.12
CA ALA B 113 19.89 20.01 12.15
C ALA B 113 20.23 21.10 13.09
N LEU B 114 20.57 20.74 14.33
CA LEU B 114 21.02 21.70 15.34
C LEU B 114 22.46 22.16 15.06
N SER B 115 22.77 23.41 15.41
CA SER B 115 24.13 23.93 15.43
C SER B 115 24.42 24.65 16.73
N LEU B 116 25.68 24.99 16.93
CA LEU B 116 26.04 25.88 18.03
C LEU B 116 25.87 27.28 17.55
N ILE B 117 25.14 28.09 18.30
CA ILE B 117 24.93 29.50 17.97
C ILE B 117 25.60 30.34 19.05
N TYR B 118 26.44 31.28 18.67
CA TYR B 118 27.25 31.98 19.66
C TYR B 118 27.24 33.47 19.43
N ASN B 119 27.39 34.22 20.52
CA ASN B 119 27.38 35.67 20.50
C ASN B 119 28.83 36.14 20.34
N LYS B 120 29.15 36.64 19.15
CA LYS B 120 30.51 37.01 18.80
C LYS B 120 31.08 38.14 19.65
N ASP B 121 30.20 38.97 20.23
CA ASP B 121 30.67 40.05 21.11
C ASP B 121 31.07 39.55 22.50
N LEU B 122 30.50 38.44 22.93
CA LEU B 122 30.89 37.84 24.20
C LEU B 122 31.98 36.79 23.99
N LEU B 123 31.95 36.16 22.83
CA LEU B 123 32.77 34.97 22.62
C LEU B 123 33.21 34.87 21.19
N PRO B 124 34.22 35.65 20.82
CA PRO B 124 34.57 35.69 19.40
C PRO B 124 35.12 34.39 18.85
N ASN B 125 35.64 33.55 19.74
CA ASN B 125 36.17 32.27 19.34
C ASN B 125 35.47 31.21 20.18
N PRO B 126 34.40 30.62 19.65
CA PRO B 126 33.68 29.69 20.51
C PRO B 126 34.46 28.43 20.73
N PRO B 127 34.13 27.70 21.79
CA PRO B 127 34.81 26.46 22.12
C PRO B 127 34.61 25.39 21.09
N LYS B 128 35.67 24.63 20.84
CA LYS B 128 35.58 23.49 19.95
C LYS B 128 35.18 22.20 20.68
N THR B 129 35.35 22.19 21.99
CA THR B 129 35.00 21.03 22.82
C THR B 129 33.98 21.34 23.92
N TRP B 130 33.18 20.33 24.26
CA TRP B 130 32.28 20.43 25.40
C TRP B 130 33.06 20.60 26.71
N GLU B 131 34.19 19.92 26.78
CA GLU B 131 34.99 19.93 28.00
C GLU B 131 35.50 21.31 28.42
N GLU B 132 35.55 22.25 27.48
CA GLU B 132 35.99 23.61 27.79
C GLU B 132 34.92 24.48 28.39
N ILE B 133 33.68 24.03 28.31
CA ILE B 133 32.57 24.91 28.65
C ILE B 133 32.53 25.31 30.14
N PRO B 134 32.78 24.37 31.05
CA PRO B 134 32.81 24.71 32.48
C PRO B 134 33.74 25.88 32.82
N ALA B 135 34.98 25.87 32.32
CA ALA B 135 35.90 26.97 32.57
C ALA B 135 35.43 28.29 31.93
N LEU B 136 34.87 28.20 30.73
CA LEU B 136 34.34 29.37 30.06
C LEU B 136 33.22 30.01 30.88
N ASP B 137 32.36 29.17 31.44
CA ASP B 137 31.26 29.64 32.24
C ASP B 137 31.74 30.36 33.50
N LYS B 138 32.77 29.81 34.12
CA LYS B 138 33.32 30.49 35.27
C LYS B 138 33.78 31.89 34.90
N GLU B 139 34.48 32.02 33.78
CA GLU B 139 34.90 33.35 33.34
C GLU B 139 33.70 34.27 33.12
N LEU B 140 32.66 33.76 32.46
CA LEU B 140 31.51 34.60 32.16
C LEU B 140 30.70 34.92 33.41
N LYS B 141 30.72 34.04 34.41
CA LYS B 141 29.92 34.28 35.61
C LYS B 141 30.48 35.45 36.40
N ALA B 142 31.78 35.65 36.27
CA ALA B 142 32.48 36.76 36.94
C ALA B 142 32.17 38.11 36.31
N LYS B 143 31.47 38.11 35.17
CA LYS B 143 30.91 39.36 34.61
C LYS B 143 29.40 39.24 34.43
N GLY B 144 28.76 38.39 35.25
CA GLY B 144 27.32 38.36 35.32
C GLY B 144 26.61 37.73 34.11
N LYS B 145 27.31 36.89 33.36
CA LYS B 145 26.74 36.16 32.21
C LYS B 145 26.99 34.66 32.38
N SER B 146 26.51 33.87 31.43
CA SER B 146 26.79 32.44 31.43
C SER B 146 27.31 32.00 30.08
N ALA B 147 27.92 30.80 30.02
CA ALA B 147 28.45 30.27 28.76
C ALA B 147 27.39 29.76 27.80
N LEU B 148 26.49 28.93 28.31
CA LEU B 148 25.58 28.18 27.48
C LEU B 148 24.23 27.94 28.11
N MET B 149 23.19 28.16 27.29
CA MET B 149 21.84 27.83 27.67
C MET B 149 21.11 27.26 26.46
N PHE B 150 20.45 26.12 26.65
CA PHE B 150 19.64 25.48 25.63
C PHE B 150 18.55 24.63 26.29
N ASN B 151 17.57 24.25 25.49
CA ASN B 151 16.39 23.53 25.99
C ASN B 151 16.75 22.16 26.55
N LEU B 152 16.60 21.99 27.86
CA LEU B 152 16.90 20.70 28.47
C LEU B 152 15.66 19.86 28.71
N GLN B 153 14.50 20.31 28.20
CA GLN B 153 13.26 19.56 28.42
C GLN B 153 12.94 18.59 27.28
N GLU B 154 13.51 18.82 26.10
CA GLU B 154 13.26 17.97 24.94
C GLU B 154 14.53 17.25 24.56
N PRO B 155 14.48 15.91 24.51
CA PRO B 155 15.68 15.12 24.23
C PRO B 155 16.38 15.42 22.88
N TYR B 156 15.67 15.99 21.91
CA TYR B 156 16.28 16.41 20.66
C TYR B 156 17.51 17.27 20.84
N PHE B 157 17.48 18.18 21.84
CA PHE B 157 18.59 19.10 22.04
C PHE B 157 19.77 18.50 22.79
N THR B 158 19.52 17.48 23.61
CA THR B 158 20.57 16.85 24.39
C THR B 158 21.16 15.64 23.67
N TRP B 159 20.39 15.11 22.74
CA TRP B 159 20.85 13.94 21.95
C TRP B 159 22.22 14.08 21.30
N PRO B 160 22.57 15.27 20.73
CA PRO B 160 23.87 15.32 20.03
C PRO B 160 25.08 14.98 20.93
N LEU B 161 25.03 15.44 22.17
CA LEU B 161 26.03 15.06 23.20
C LEU B 161 25.95 13.60 23.62
N ILE B 162 24.74 13.08 23.85
CA ILE B 162 24.57 11.67 24.21
C ILE B 162 25.12 10.71 23.15
N ALA B 163 24.84 11.04 21.88
CA ALA B 163 25.25 10.24 20.74
C ALA B 163 26.73 10.37 20.39
N ALA B 164 27.36 11.45 20.80
CA ALA B 164 28.74 11.75 20.37
C ALA B 164 29.70 10.59 20.58
N ASP B 165 29.73 10.03 21.78
CA ASP B 165 30.70 8.97 22.13
C ASP B 165 30.14 7.55 21.95
N GLY B 166 28.93 7.41 21.42
CA GLY B 166 28.43 6.09 21.09
C GLY B 166 26.94 5.83 21.23
N GLY B 167 26.17 6.75 21.77
CA GLY B 167 24.74 6.55 21.80
C GLY B 167 24.12 6.43 20.40
N TYR B 168 23.05 5.65 20.27
CA TYR B 168 22.30 5.59 19.01
C TYR B 168 20.88 5.19 19.33
N ALA B 169 19.97 5.48 18.40
CA ALA B 169 18.58 5.15 18.61
C ALA B 169 18.34 3.69 18.23
N PHE B 170 18.20 3.43 16.93
CA PHE B 170 18.11 2.05 16.44
C PHE B 170 19.26 1.70 15.51
N LYS B 171 19.77 0.48 15.63
CA LYS B 171 20.83 0.00 14.74
C LYS B 171 20.30 -0.07 13.30
N TYR B 172 21.14 0.29 12.34
CA TYR B 172 20.76 0.19 10.95
C TYR B 172 21.75 -0.73 10.30
N GLU B 173 21.22 -1.75 9.64
CA GLU B 173 22.06 -2.68 8.86
C GLU B 173 21.23 -3.49 7.86
N ASN B 174 21.90 -4.02 6.84
CA ASN B 174 21.18 -4.70 5.76
C ASN B 174 20.12 -3.78 5.13
N GLY B 175 20.30 -2.47 5.23
CA GLY B 175 19.37 -1.52 4.66
C GLY B 175 18.06 -1.34 5.39
N LYS B 176 18.02 -1.68 6.68
CA LYS B 176 16.84 -1.48 7.50
C LYS B 176 17.20 -1.27 8.97
N TYR B 177 16.32 -0.58 9.68
CA TYR B 177 16.47 -0.42 11.12
C TYR B 177 16.05 -1.66 11.86
N ASP B 178 16.85 -2.02 12.86
CA ASP B 178 16.49 -3.13 13.75
C ASP B 178 15.74 -2.53 14.91
N ILE B 179 14.42 -2.71 14.91
CA ILE B 179 13.54 -2.04 15.85
C ILE B 179 13.76 -2.53 17.27
N LYS B 180 14.53 -3.60 17.42
CA LYS B 180 14.81 -4.17 18.74
C LYS B 180 16.16 -3.79 19.30
N ASP B 181 17.06 -3.24 18.48
CA ASP B 181 18.44 -3.00 18.88
C ASP B 181 18.67 -1.51 19.13
N VAL B 182 18.61 -1.14 20.41
CA VAL B 182 18.62 0.26 20.80
C VAL B 182 19.95 0.60 21.48
N GLY B 183 20.40 1.86 21.38
CA GLY B 183 21.72 2.23 21.87
C GLY B 183 21.74 3.34 22.91
N VAL B 184 20.82 3.24 23.87
CA VAL B 184 20.57 4.26 24.86
C VAL B 184 21.35 4.03 26.15
N ASP B 185 21.60 2.77 26.49
CA ASP B 185 22.31 2.40 27.71
C ASP B 185 23.62 1.72 27.33
N ASN B 186 24.46 2.39 26.57
CA ASN B 186 25.84 1.93 26.39
C ASN B 186 26.80 2.94 26.99
N ALA B 187 28.09 2.62 27.01
CA ALA B 187 29.05 3.44 27.73
C ALA B 187 29.09 4.85 27.14
N GLY B 188 28.91 4.93 25.82
CA GLY B 188 28.94 6.20 25.12
C GLY B 188 27.82 7.13 25.55
N ALA B 189 26.60 6.60 25.54
CA ALA B 189 25.45 7.38 25.97
C ALA B 189 25.59 7.79 27.42
N LYS B 190 26.03 6.87 28.27
CA LYS B 190 26.23 7.20 29.70
C LYS B 190 27.25 8.33 29.91
N ALA B 191 28.33 8.30 29.15
CA ALA B 191 29.34 9.36 29.24
C ALA B 191 28.76 10.72 28.90
N GLY B 192 27.98 10.79 27.83
CA GLY B 192 27.46 12.06 27.38
C GLY B 192 26.43 12.58 28.35
N LEU B 193 25.53 11.70 28.80
CA LEU B 193 24.51 12.20 29.72
C LEU B 193 25.14 12.58 31.08
N THR B 194 26.16 11.82 31.50
CA THR B 194 26.86 12.16 32.74
C THR B 194 27.51 13.56 32.65
N PHE B 195 28.10 13.86 31.51
CA PHE B 195 28.70 15.16 31.28
C PHE B 195 27.64 16.26 31.41
N LEU B 196 26.47 16.05 30.82
CA LEU B 196 25.38 17.04 30.96
C LEU B 196 24.95 17.16 32.42
N VAL B 197 24.80 16.03 33.09
CA VAL B 197 24.37 16.05 34.47
C VAL B 197 25.36 16.82 35.33
N ASP B 198 26.63 16.61 35.07
CA ASP B 198 27.67 17.29 35.82
C ASP B 198 27.68 18.79 35.53
N LEU B 199 27.35 19.21 34.30
CA LEU B 199 27.27 20.64 34.04
C LEU B 199 26.26 21.28 34.94
N ILE B 200 25.15 20.58 35.14
CA ILE B 200 24.06 21.06 35.97
C ILE B 200 24.43 21.02 37.44
N LYS B 201 25.02 19.93 37.90
CA LYS B 201 25.48 19.86 39.30
C LYS B 201 26.43 21.00 39.62
N ASN B 202 27.29 21.34 38.67
CA ASN B 202 28.27 22.41 38.85
C ASN B 202 27.74 23.80 38.58
N LYS B 203 26.44 23.87 38.33
CA LYS B 203 25.69 25.12 38.18
C LYS B 203 26.09 25.91 36.93
N HIS B 204 26.62 25.21 35.94
CA HIS B 204 26.85 25.82 34.65
C HIS B 204 25.59 25.81 33.81
N MET B 205 24.65 24.94 34.15
CA MET B 205 23.32 24.98 33.54
C MET B 205 22.29 24.63 34.60
N ASN B 206 21.02 24.87 34.28
CA ASN B 206 19.93 24.63 35.21
C ASN B 206 18.98 23.62 34.62
N ALA B 207 18.66 22.57 35.36
CA ALA B 207 17.81 21.51 34.83
C ALA B 207 16.47 22.01 34.32
N ASP B 208 16.02 23.18 34.77
CA ASP B 208 14.68 23.65 34.46
C ASP B 208 14.61 24.45 33.16
N THR B 209 15.76 24.72 32.56
CA THR B 209 15.81 25.53 31.37
C THR B 209 15.03 24.92 30.21
N ASP B 210 14.15 25.72 29.62
CA ASP B 210 13.38 25.24 28.49
C ASP B 210 13.61 26.09 27.23
N TYR B 211 12.83 25.84 26.19
CA TYR B 211 13.15 26.50 24.93
C TYR B 211 13.05 28.02 25.04
N SER B 212 11.93 28.46 25.59
CA SER B 212 11.65 29.88 25.76
C SER B 212 12.71 30.59 26.59
N ILE B 213 13.06 29.98 27.71
CA ILE B 213 14.05 30.57 28.60
C ILE B 213 15.42 30.71 27.91
N ALA B 214 15.90 29.66 27.26
CA ALA B 214 17.20 29.77 26.61
C ALA B 214 17.18 30.76 25.45
N GLU B 215 16.10 30.79 24.69
CA GLU B 215 16.00 31.71 23.57
C GLU B 215 16.03 33.15 24.05
N ALA B 216 15.25 33.44 25.08
CA ALA B 216 15.19 34.77 25.64
C ALA B 216 16.59 35.19 26.17
N ALA B 217 17.26 34.28 26.86
CA ALA B 217 18.57 34.56 27.44
C ALA B 217 19.60 34.83 26.36
N PHE B 218 19.66 33.99 25.34
CA PHE B 218 20.59 34.28 24.26
C PHE B 218 20.26 35.57 23.51
N ASN B 219 18.99 35.82 23.23
CA ASN B 219 18.67 36.94 22.36
C ASN B 219 18.79 38.28 23.10
N LYS B 220 18.92 38.23 24.43
CA LYS B 220 19.14 39.45 25.22
C LYS B 220 20.60 39.61 25.61
N GLY B 221 21.45 38.68 25.18
CA GLY B 221 22.87 38.78 25.48
C GLY B 221 23.27 38.33 26.88
N GLU B 222 22.47 37.45 27.49
CA GLU B 222 22.69 37.01 28.84
C GLU B 222 23.54 35.75 28.88
N THR B 223 23.55 35.02 27.78
CA THR B 223 24.36 33.80 27.67
C THR B 223 25.17 33.84 26.36
N ALA B 224 26.38 33.26 26.35
CA ALA B 224 27.28 33.39 25.19
C ALA B 224 26.95 32.43 24.05
N MET B 225 26.22 31.35 24.35
CA MET B 225 25.95 30.31 23.35
C MET B 225 24.59 29.70 23.59
N THR B 226 24.03 29.17 22.52
CA THR B 226 22.86 28.34 22.65
C THR B 226 22.96 27.24 21.58
N ILE B 227 22.04 26.29 21.61
CA ILE B 227 22.01 25.20 20.64
C ILE B 227 20.61 25.22 20.09
N ASN B 228 20.51 25.42 18.78
CA ASN B 228 19.21 25.55 18.19
C ASN B 228 19.28 25.35 16.68
N GLY B 229 18.12 25.34 16.03
CA GLY B 229 18.03 25.08 14.61
C GLY B 229 17.73 26.34 13.81
N PRO B 230 17.57 26.19 12.49
CA PRO B 230 17.45 27.33 11.57
C PRO B 230 16.24 28.24 11.88
N TRP B 231 15.15 27.63 12.36
CA TRP B 231 13.91 28.32 12.73
C TRP B 231 14.15 29.42 13.76
N ALA B 232 15.25 29.31 14.51
CA ALA B 232 15.52 30.26 15.59
C ALA B 232 16.25 31.51 15.10
N TRP B 233 16.80 31.50 13.91
CA TRP B 233 17.69 32.57 13.51
C TRP B 233 16.99 33.91 13.36
N SER B 234 15.75 33.91 12.91
CA SER B 234 15.14 35.18 12.58
C SER B 234 14.76 35.96 13.85
N ASN B 235 14.52 35.28 14.97
CA ASN B 235 14.30 36.01 16.24
C ASN B 235 15.63 36.59 16.72
N ILE B 236 16.72 35.92 16.41
CA ILE B 236 18.03 36.44 16.75
C ILE B 236 18.35 37.67 15.90
N ASP B 237 17.98 37.63 14.61
CA ASP B 237 18.11 38.80 13.74
C ASP B 237 17.42 40.00 14.37
N THR B 238 16.17 39.78 14.78
CA THR B 238 15.35 40.86 15.35
C THR B 238 16.02 41.49 16.58
N SER B 239 16.77 40.67 17.33
CA SER B 239 17.38 41.08 18.60
C SER B 239 18.68 41.89 18.38
N LYS B 240 19.15 41.87 17.14
CA LYS B 240 20.41 42.50 16.76
C LYS B 240 21.67 41.97 17.46
N VAL B 241 21.56 40.84 18.15
CA VAL B 241 22.74 40.13 18.65
C VAL B 241 23.68 39.82 17.48
N ASN B 242 24.98 39.99 17.67
CA ASN B 242 25.95 39.69 16.63
C ASN B 242 26.31 38.23 16.78
N TYR B 243 25.60 37.35 16.07
CA TYR B 243 25.69 35.91 16.30
C TYR B 243 26.39 35.21 15.15
N GLY B 244 26.93 34.05 15.46
CA GLY B 244 27.44 33.16 14.44
C GLY B 244 26.82 31.77 14.63
N VAL B 245 26.88 30.95 13.60
CA VAL B 245 26.34 29.60 13.64
C VAL B 245 27.48 28.69 13.20
N THR B 246 27.79 27.70 14.02
CA THR B 246 29.01 26.91 13.80
C THR B 246 28.87 25.46 14.21
N VAL B 247 29.91 24.68 13.97
CA VAL B 247 29.91 23.29 14.33
C VAL B 247 29.73 23.10 15.85
N LEU B 248 28.92 22.10 16.23
CA LEU B 248 28.77 21.77 17.62
C LEU B 248 30.10 21.36 18.24
N PRO B 249 30.24 21.55 19.55
CA PRO B 249 31.48 21.08 20.17
C PRO B 249 31.63 19.55 20.13
N THR B 250 32.87 19.10 20.12
CA THR B 250 33.20 17.69 20.27
C THR B 250 33.13 17.26 21.74
N PHE B 251 32.95 15.96 21.91
CA PHE B 251 32.99 15.36 23.23
C PHE B 251 33.84 14.10 23.11
N LYS B 252 34.79 13.98 24.03
CA LYS B 252 35.82 12.95 23.95
C LYS B 252 36.50 12.87 22.59
N GLY B 253 36.68 14.04 21.97
CA GLY B 253 37.31 14.11 20.67
C GLY B 253 36.42 13.78 19.49
N GLN B 254 35.18 13.41 19.76
CA GLN B 254 34.24 12.95 18.74
C GLN B 254 33.23 14.05 18.45
N PRO B 255 32.75 14.11 17.21
CA PRO B 255 31.76 15.14 16.92
C PRO B 255 30.44 14.90 17.63
N SER B 256 29.76 15.98 18.05
CA SER B 256 28.40 15.85 18.47
C SER B 256 27.61 15.41 17.27
N LYS B 257 26.58 14.61 17.50
CA LYS B 257 25.84 13.98 16.42
C LYS B 257 24.37 14.33 16.46
N PRO B 258 24.04 15.52 15.95
CA PRO B 258 22.64 15.89 15.98
C PRO B 258 21.78 15.00 15.07
N PHE B 259 20.52 14.82 15.42
CA PHE B 259 19.61 14.12 14.53
C PHE B 259 19.34 14.99 13.35
N VAL B 260 19.16 14.38 12.20
CA VAL B 260 18.74 15.12 11.03
C VAL B 260 17.26 14.91 10.80
N GLY B 261 16.55 16.04 10.69
CA GLY B 261 15.13 16.04 10.48
C GLY B 261 14.79 16.67 9.14
N VAL B 262 13.80 16.10 8.50
CA VAL B 262 13.25 16.66 7.24
C VAL B 262 11.84 17.11 7.52
N LEU B 263 11.63 18.41 7.60
CA LEU B 263 10.29 18.96 7.73
C LEU B 263 9.46 18.51 6.53
N SER B 264 8.31 17.91 6.80
CA SER B 264 7.52 17.22 5.82
C SER B 264 6.05 17.59 6.01
N ALA B 265 5.30 17.53 4.90
CA ALA B 265 3.90 17.91 4.90
C ALA B 265 3.07 16.72 4.47
N GLY B 266 2.38 16.13 5.42
CA GLY B 266 1.54 14.97 5.16
C GLY B 266 0.11 15.41 4.93
N ILE B 267 -0.56 14.67 4.05
CA ILE B 267 -1.97 14.91 3.75
CA ILE B 267 -1.97 14.90 3.76
C ILE B 267 -2.84 13.86 4.49
N ASN B 268 -3.84 14.35 5.20
CA ASN B 268 -4.78 13.48 5.93
C ASN B 268 -5.51 12.55 4.98
N ALA B 269 -5.41 11.24 5.24
CA ALA B 269 -6.07 10.22 4.40
C ALA B 269 -7.59 10.42 4.38
N ALA B 270 -8.13 10.97 5.47
CA ALA B 270 -9.56 11.22 5.61
C ALA B 270 -9.98 12.62 5.14
N SER B 271 -9.06 13.36 4.53
CA SER B 271 -9.40 14.68 4.00
C SER B 271 -10.16 14.53 2.67
N PRO B 272 -11.28 15.25 2.53
CA PRO B 272 -11.98 15.27 1.23
C PRO B 272 -11.29 16.23 0.26
N ASN B 273 -10.23 16.89 0.70
CA ASN B 273 -9.57 17.93 -0.11
C ASN B 273 -8.15 17.53 -0.48
N LYS B 274 -7.94 16.24 -0.74
CA LYS B 274 -6.60 15.73 -0.98
C LYS B 274 -5.99 16.37 -2.22
N GLU B 275 -6.78 16.51 -3.27
CA GLU B 275 -6.26 17.02 -4.51
C GLU B 275 -5.93 18.50 -4.40
N LEU B 276 -6.77 19.26 -3.71
CA LEU B 276 -6.49 20.67 -3.46
C LEU B 276 -5.21 20.81 -2.64
N ALA B 277 -5.02 19.91 -1.67
CA ALA B 277 -3.84 19.93 -0.82
C ALA B 277 -2.54 19.72 -1.63
N LYS B 278 -2.57 18.77 -2.56
CA LYS B 278 -1.43 18.51 -3.43
C LYS B 278 -1.16 19.71 -4.30
N GLU B 279 -2.21 20.36 -4.80
CA GLU B 279 -2.05 21.50 -5.65
C GLU B 279 -1.42 22.68 -4.86
N PHE B 280 -1.90 22.91 -3.65
CA PHE B 280 -1.25 23.90 -2.78
C PHE B 280 0.22 23.58 -2.52
N LEU B 281 0.53 22.34 -2.15
CA LEU B 281 1.90 21.96 -1.81
C LEU B 281 2.83 22.03 -3.03
N GLU B 282 2.40 21.48 -4.17
CA GLU B 282 3.28 21.46 -5.34
C GLU B 282 3.42 22.80 -6.06
N ASN B 283 2.32 23.54 -6.17
CA ASN B 283 2.30 24.69 -7.05
C ASN B 283 2.43 26.01 -6.30
N TYR B 284 2.27 25.99 -4.98
CA TYR B 284 2.35 27.22 -4.21
C TYR B 284 3.48 27.14 -3.19
N LEU B 285 3.51 26.12 -2.32
CA LEU B 285 4.54 26.07 -1.30
C LEU B 285 5.93 25.69 -1.83
N LEU B 286 6.00 24.59 -2.57
CA LEU B 286 7.28 24.09 -3.05
C LEU B 286 7.70 24.76 -4.36
N THR B 287 7.71 26.08 -4.30
CA THR B 287 8.22 26.95 -5.36
C THR B 287 9.27 27.89 -4.75
N ASP B 288 10.09 28.52 -5.59
CA ASP B 288 11.05 29.44 -5.03
C ASP B 288 10.34 30.51 -4.22
N GLU B 289 9.21 30.97 -4.72
CA GLU B 289 8.48 32.06 -4.09
C GLU B 289 7.79 31.64 -2.79
N GLY B 290 7.23 30.44 -2.78
CA GLY B 290 6.58 29.93 -1.59
C GLY B 290 7.57 29.68 -0.46
N LEU B 291 8.67 29.03 -0.78
CA LEU B 291 9.67 28.73 0.23
C LEU B 291 10.32 30.00 0.73
N GLU B 292 10.43 31.00 -0.13
CA GLU B 292 10.99 32.29 0.29
C GLU B 292 10.11 32.92 1.34
N ALA B 293 8.80 32.88 1.14
CA ALA B 293 7.88 33.49 2.11
C ALA B 293 7.98 32.83 3.49
N VAL B 294 8.10 31.53 3.50
CA VAL B 294 8.19 30.81 4.77
C VAL B 294 9.57 31.08 5.40
N ASN B 295 10.61 30.93 4.59
CA ASN B 295 11.98 31.14 5.05
C ASN B 295 12.22 32.52 5.64
N LYS B 296 11.61 33.52 5.04
CA LYS B 296 11.69 34.89 5.54
C LYS B 296 11.09 35.07 6.93
N ASP B 297 10.12 34.22 7.26
CA ASP B 297 9.47 34.28 8.56
C ASP B 297 10.33 33.54 9.55
N LYS B 298 10.59 32.24 9.31
CA LYS B 298 11.48 31.46 10.15
C LYS B 298 12.28 30.58 9.22
N PRO B 299 13.62 30.71 9.24
CA PRO B 299 14.43 29.91 8.29
C PRO B 299 14.19 28.42 8.36
N LEU B 300 14.18 27.82 7.17
CA LEU B 300 13.80 26.42 7.00
C LEU B 300 14.98 25.49 7.09
N GLY B 301 16.18 25.99 6.85
CA GLY B 301 17.32 25.12 6.67
C GLY B 301 17.71 24.97 5.21
N ALA B 302 18.02 23.74 4.80
CA ALA B 302 18.38 23.43 3.43
C ALA B 302 17.12 22.88 2.76
N VAL B 303 16.51 23.66 1.88
CA VAL B 303 15.18 23.28 1.40
C VAL B 303 15.27 22.12 0.41
N ALA B 304 14.18 21.36 0.34
CA ALA B 304 14.12 20.18 -0.53
C ALA B 304 14.13 20.53 -2.01
N LEU B 305 13.62 21.72 -2.33
CA LEU B 305 13.51 22.21 -3.69
C LEU B 305 14.87 22.63 -4.21
N LYS B 306 15.38 21.89 -5.20
CA LYS B 306 16.73 22.07 -5.69
C LYS B 306 17.03 23.50 -6.09
N SER B 307 16.14 24.12 -6.87
CA SER B 307 16.41 25.46 -7.40
C SER B 307 16.65 26.46 -6.27
N TYR B 308 15.84 26.38 -5.22
CA TYR B 308 15.95 27.36 -4.14
C TYR B 308 17.06 27.01 -3.17
N GLU B 309 17.30 25.71 -2.96
CA GLU B 309 18.40 25.30 -2.13
C GLU B 309 19.71 25.87 -2.71
N GLU B 310 19.84 25.77 -4.04
CA GLU B 310 21.02 26.27 -4.74
C GLU B 310 21.19 27.76 -4.51
N GLU B 311 20.07 28.48 -4.51
CA GLU B 311 20.09 29.92 -4.28
C GLU B 311 20.58 30.28 -2.89
N LEU B 312 20.16 29.53 -1.88
CA LEU B 312 20.51 29.88 -0.50
C LEU B 312 21.82 29.27 0.01
N ALA B 313 22.40 28.33 -0.72
CA ALA B 313 23.44 27.46 -0.15
C ALA B 313 24.71 28.19 0.27
N LYS B 314 24.91 29.38 -0.28
CA LYS B 314 26.04 30.22 0.11
C LYS B 314 25.90 30.88 1.49
N ASP B 315 24.73 30.75 2.11
CA ASP B 315 24.49 31.29 3.46
C ASP B 315 25.37 30.49 4.40
N PRO B 316 26.30 31.14 5.11
CA PRO B 316 27.18 30.42 6.02
C PRO B 316 26.43 29.68 7.12
N ARG B 317 25.26 30.18 7.50
CA ARG B 317 24.47 29.51 8.53
C ARG B 317 23.92 28.18 8.05
N ILE B 318 23.57 28.13 6.77
CA ILE B 318 23.09 26.90 6.19
C ILE B 318 24.24 25.92 5.99
N ALA B 319 25.39 26.43 5.57
CA ALA B 319 26.56 25.58 5.44
C ALA B 319 26.89 24.91 6.77
N ALA B 320 26.72 25.66 7.86
CA ALA B 320 27.08 25.14 9.18
C ALA B 320 26.04 24.09 9.57
N THR B 321 24.79 24.34 9.20
CA THR B 321 23.69 23.44 9.52
C THR B 321 24.04 22.10 8.88
N MET B 322 24.48 22.15 7.62
CA MET B 322 24.77 20.94 6.87
C MET B 322 26.05 20.24 7.32
N GLU B 323 27.03 21.00 7.81
CA GLU B 323 28.21 20.40 8.39
C GLU B 323 27.80 19.59 9.60
N ASN B 324 26.94 20.17 10.43
CA ASN B 324 26.44 19.43 11.59
C ASN B 324 25.60 18.25 11.20
N ALA B 325 24.78 18.39 10.17
CA ALA B 325 23.90 17.32 9.72
C ALA B 325 24.71 16.13 9.20
N GLN B 326 25.82 16.40 8.53
CA GLN B 326 26.66 15.33 7.97
C GLN B 326 27.38 14.53 9.06
N LYS B 327 27.59 15.14 10.23
CA LYS B 327 28.26 14.50 11.35
C LYS B 327 27.29 13.71 12.21
N GLY B 328 26.00 14.01 12.02
CA GLY B 328 24.92 13.42 12.78
C GLY B 328 24.30 12.24 12.06
N GLU B 329 23.07 11.90 12.43
CA GLU B 329 22.40 10.75 11.81
C GLU B 329 20.99 11.16 11.41
N ILE B 330 20.52 10.66 10.28
CA ILE B 330 19.15 10.89 9.89
C ILE B 330 18.22 10.19 10.87
N MET B 331 17.19 10.88 11.34
CA MET B 331 16.21 10.21 12.21
C MET B 331 15.55 9.04 11.48
N PRO B 332 15.42 7.91 12.17
CA PRO B 332 14.54 6.89 11.61
C PRO B 332 13.08 7.38 11.49
N ASN B 333 12.27 6.85 10.58
CA ASN B 333 10.86 7.19 10.58
C ASN B 333 9.97 6.06 11.04
N ILE B 334 10.58 5.03 11.60
CA ILE B 334 9.82 3.85 12.01
C ILE B 334 8.88 4.16 13.17
N PRO B 335 7.79 3.40 13.27
CA PRO B 335 6.79 3.62 14.32
C PRO B 335 7.41 3.64 15.71
N GLN B 336 8.46 2.86 15.91
CA GLN B 336 9.06 2.73 17.25
C GLN B 336 9.73 4.04 17.72
N MET B 337 9.89 5.01 16.83
CA MET B 337 10.55 6.27 17.21
C MET B 337 9.81 7.03 18.29
N SER B 338 8.49 6.93 18.32
CA SER B 338 7.71 7.56 19.37
C SER B 338 8.10 6.96 20.74
N ALA B 339 8.20 5.64 20.83
CA ALA B 339 8.61 4.99 22.07
C ALA B 339 10.00 5.45 22.49
N PHE B 340 10.87 5.62 21.50
CA PHE B 340 12.25 6.00 21.76
C PHE B 340 12.27 7.40 22.33
N TRP B 341 11.56 8.31 21.68
CA TRP B 341 11.55 9.70 22.12
C TRP B 341 11.00 9.86 23.55
N TYR B 342 9.89 9.19 23.86
CA TYR B 342 9.31 9.30 25.17
C TYR B 342 10.25 8.75 26.22
N ALA B 343 10.90 7.64 25.90
CA ALA B 343 11.79 6.99 26.85
C ALA B 343 13.00 7.88 27.16
N VAL B 344 13.59 8.44 26.12
CA VAL B 344 14.77 9.30 26.28
C VAL B 344 14.38 10.63 26.95
N ARG B 345 13.18 11.12 26.70
CA ARG B 345 12.76 12.37 27.34
C ARG B 345 12.80 12.17 28.83
N THR B 346 12.18 11.08 29.25
CA THR B 346 12.08 10.78 30.67
C THR B 346 13.43 10.61 31.29
N ALA B 347 14.31 9.89 30.60
CA ALA B 347 15.64 9.64 31.14
C ALA B 347 16.40 10.93 31.36
N VAL B 348 16.35 11.84 30.40
CA VAL B 348 17.19 13.03 30.55
C VAL B 348 16.64 13.91 31.67
N ILE B 349 15.34 14.04 31.72
CA ILE B 349 14.71 14.88 32.71
C ILE B 349 14.99 14.36 34.10
N ASN B 350 14.86 13.04 34.27
CA ASN B 350 15.06 12.44 35.59
C ASN B 350 16.50 12.50 36.03
N ALA B 351 17.43 12.26 35.11
CA ALA B 351 18.84 12.34 35.46
C ALA B 351 19.28 13.80 35.72
N ALA B 352 18.80 14.73 34.90
CA ALA B 352 19.18 16.14 35.04
C ALA B 352 18.72 16.75 36.34
N SER B 353 17.54 16.34 36.81
CA SER B 353 16.96 16.89 38.02
C SER B 353 17.44 16.16 39.28
N GLY B 354 18.19 15.08 39.11
CA GLY B 354 18.70 14.33 40.24
C GLY B 354 17.73 13.29 40.77
N ARG B 355 16.62 13.08 40.09
CA ARG B 355 15.63 12.14 40.57
C ARG B 355 16.12 10.70 40.43
N GLN B 356 16.90 10.46 39.40
CA GLN B 356 17.46 9.13 39.19
C GLN B 356 18.91 9.29 38.84
N THR B 357 19.66 8.23 39.03
CA THR B 357 21.03 8.22 38.57
C THR B 357 21.03 8.10 37.05
N VAL B 358 22.14 8.47 36.43
CA VAL B 358 22.26 8.34 34.97
C VAL B 358 22.16 6.89 34.58
N ASP B 359 22.79 6.02 35.37
CA ASP B 359 22.74 4.58 35.07
C ASP B 359 21.31 4.05 35.11
N ALA B 360 20.53 4.41 36.13
CA ALA B 360 19.14 3.94 36.26
C ALA B 360 18.28 4.51 35.16
N ALA B 361 18.46 5.80 34.89
CA ALA B 361 17.66 6.50 33.90
C ALA B 361 17.83 5.87 32.52
N LEU B 362 19.07 5.64 32.13
CA LEU B 362 19.32 5.06 30.80
C LEU B 362 18.98 3.59 30.70
N ALA B 363 19.23 2.82 31.76
CA ALA B 363 18.87 1.41 31.75
C ALA B 363 17.38 1.25 31.54
N ALA B 364 16.58 2.07 32.22
CA ALA B 364 15.15 2.02 32.05
C ALA B 364 14.74 2.46 30.66
N ALA B 365 15.41 3.46 30.15
CA ALA B 365 15.04 3.99 28.84
C ALA B 365 15.39 2.99 27.76
N GLN B 366 16.50 2.29 27.94
CA GLN B 366 16.89 1.26 27.00
C GLN B 366 15.77 0.21 26.85
N THR B 367 15.27 -0.27 27.96
CA THR B 367 14.18 -1.23 27.93
C THR B 367 12.88 -0.67 27.35
N ASN B 368 12.52 0.54 27.77
CA ASN B 368 11.28 1.15 27.32
C ASN B 368 11.27 1.54 25.83
N ALA B 369 12.42 1.96 25.33
CA ALA B 369 12.51 2.33 23.92
C ALA B 369 12.27 1.16 22.99
N ALA B 370 12.60 -0.04 23.46
CA ALA B 370 12.49 -1.23 22.64
C ALA B 370 11.21 -2.02 22.88
N ALA B 371 10.42 -1.61 23.86
CA ALA B 371 9.23 -2.37 24.27
C ALA B 371 8.21 -2.46 23.16
N ASP B 372 7.57 -3.62 23.09
CA ASP B 372 6.49 -3.87 22.15
C ASP B 372 5.15 -3.93 22.84
N ASP B 373 4.09 -3.60 22.13
CA ASP B 373 2.75 -3.93 22.59
CA ASP B 373 2.74 -3.94 22.58
C ASP B 373 2.66 -5.45 22.57
N PRO B 374 2.46 -6.07 23.76
CA PRO B 374 2.50 -7.53 23.92
C PRO B 374 1.52 -8.30 23.02
N ILE B 375 0.37 -7.70 22.73
CA ILE B 375 -0.71 -8.41 22.06
C ILE B 375 -0.82 -8.06 20.58
N GLY B 376 -0.68 -6.80 20.24
CA GLY B 376 -0.51 -6.41 18.84
C GLY B 376 -1.76 -6.19 18.02
N LEU B 377 -2.86 -5.86 18.70
CA LEU B 377 -4.11 -5.54 18.03
C LEU B 377 -4.27 -4.03 17.88
N PHE B 378 -4.17 -3.29 18.98
CA PHE B 378 -4.36 -1.86 18.87
C PHE B 378 -3.14 -1.20 18.21
N LEU B 379 -3.41 -0.35 17.22
CA LEU B 379 -2.42 0.59 16.70
C LEU B 379 -2.66 1.96 17.36
N MET B 380 -3.91 2.26 17.65
CA MET B 380 -4.22 3.44 18.44
C MET B 380 -5.43 3.20 19.33
N ARG B 381 -5.34 3.65 20.58
CA ARG B 381 -6.41 3.46 21.55
C ARG B 381 -7.19 4.76 21.72
N PRO B 382 -8.49 4.66 22.05
CA PRO B 382 -9.26 5.85 22.39
C PRO B 382 -8.70 6.47 23.65
N GLN B 383 -8.64 7.80 23.65
CA GLN B 383 -8.10 8.55 24.76
C GLN B 383 -9.23 9.26 25.46
N ASP B 384 -9.02 9.56 26.74
CA ASP B 384 -9.94 10.38 27.54
C ASP B 384 -10.41 11.60 26.75
N GLY B 385 -11.69 11.93 26.87
CA GLY B 385 -12.24 13.06 26.15
C GLY B 385 -13.10 13.95 27.02
N GLU B 386 -13.37 15.15 26.49
CA GLU B 386 -14.19 16.13 27.16
C GLU B 386 -15.27 16.65 26.20
N VAL B 387 -16.47 16.91 26.74
CA VAL B 387 -17.55 17.43 25.92
C VAL B 387 -18.44 18.31 26.80
N THR B 388 -19.04 19.33 26.21
CA THR B 388 -20.02 20.11 26.95
C THR B 388 -21.41 19.52 26.73
N VAL B 389 -22.25 19.64 27.76
CA VAL B 389 -23.62 19.14 27.68
C VAL B 389 -24.23 19.59 26.35
N GLY B 390 -24.92 18.67 25.69
CA GLY B 390 -25.51 18.94 24.39
C GLY B 390 -24.57 18.75 23.20
N GLY B 391 -23.27 18.69 23.47
CA GLY B 391 -22.26 18.57 22.43
C GLY B 391 -22.01 17.13 21.99
N SER B 392 -21.19 16.94 20.98
CA SER B 392 -20.89 15.61 20.43
C SER B 392 -19.41 15.30 20.50
N ILE B 393 -19.08 14.03 20.63
CA ILE B 393 -17.68 13.63 20.66
C ILE B 393 -17.55 12.25 20.03
N VAL B 394 -16.42 12.04 19.37
CA VAL B 394 -16.06 10.77 18.75
C VAL B 394 -14.84 10.16 19.44
N PHE B 395 -14.94 8.90 19.85
CA PHE B 395 -13.80 8.13 20.32
C PHE B 395 -13.46 7.11 19.25
N SER B 396 -12.18 6.80 19.08
CA SER B 396 -11.73 5.96 17.98
C SER B 396 -10.68 4.98 18.40
N ALA B 397 -10.74 3.82 17.79
CA ALA B 397 -9.67 2.84 17.86
C ALA B 397 -9.24 2.43 16.47
N ARG B 398 -7.94 2.19 16.32
CA ARG B 398 -7.41 1.61 15.11
C ARG B 398 -6.72 0.31 15.44
N VAL B 399 -7.03 -0.71 14.63
CA VAL B 399 -6.59 -2.07 14.86
C VAL B 399 -5.92 -2.62 13.62
N ALA B 400 -4.79 -3.29 13.84
CA ALA B 400 -4.04 -3.90 12.77
C ALA B 400 -4.76 -5.14 12.24
N GLY B 401 -5.02 -5.15 10.95
CA GLY B 401 -5.59 -6.32 10.31
C GLY B 401 -4.55 -7.42 10.21
N ALA B 402 -5.01 -8.67 10.19
CA ALA B 402 -4.13 -9.81 9.91
C ALA B 402 -4.86 -10.81 9.03
N SER B 403 -5.53 -11.77 9.66
CA SER B 403 -6.30 -12.74 8.90
C SER B 403 -7.14 -12.02 7.89
N LEU B 404 -7.13 -12.49 6.65
CA LEU B 404 -8.00 -11.89 5.62
C LEU B 404 -9.45 -12.33 5.78
N LEU B 405 -9.65 -13.45 6.44
CA LEU B 405 -10.94 -14.12 6.48
C LEU B 405 -11.71 -13.80 7.75
N LYS B 406 -10.98 -13.52 8.82
CA LYS B 406 -11.59 -13.29 10.13
C LYS B 406 -11.10 -11.97 10.74
N PRO B 407 -11.81 -10.88 10.43
CA PRO B 407 -11.43 -9.54 10.90
C PRO B 407 -11.52 -9.41 12.40
N PRO B 408 -10.86 -8.40 12.95
CA PRO B 408 -11.05 -8.11 14.38
C PRO B 408 -12.42 -7.55 14.59
N VAL B 409 -12.96 -7.77 15.78
CA VAL B 409 -14.30 -7.32 16.15
C VAL B 409 -14.15 -6.40 17.35
N VAL B 410 -14.91 -5.32 17.37
CA VAL B 410 -14.82 -4.39 18.47
C VAL B 410 -16.15 -4.24 19.17
N LYS B 411 -16.08 -4.17 20.49
CA LYS B 411 -17.23 -3.83 21.32
C LYS B 411 -16.89 -2.69 22.25
N TRP B 412 -17.84 -1.77 22.43
CA TRP B 412 -17.66 -0.64 23.32
C TRP B 412 -18.59 -0.79 24.52
N PHE B 413 -18.09 -0.48 25.72
CA PHE B 413 -18.89 -0.54 26.93
C PHE B 413 -18.84 0.75 27.72
N LYS B 414 -19.94 1.04 28.39
CA LYS B 414 -19.90 2.01 29.49
C LYS B 414 -19.91 1.24 30.80
N GLY B 415 -18.97 1.56 31.68
CA GLY B 415 -18.89 0.88 32.96
C GLY B 415 -18.56 -0.58 32.76
N LYS B 416 -19.03 -1.42 33.67
CA LYS B 416 -18.61 -2.82 33.67
C LYS B 416 -19.19 -3.65 32.54
N TRP B 417 -20.48 -3.48 32.26
CA TRP B 417 -21.19 -4.43 31.43
C TRP B 417 -22.10 -3.85 30.33
N VAL B 418 -22.36 -2.53 30.31
CA VAL B 418 -23.29 -2.00 29.30
C VAL B 418 -22.72 -1.94 27.88
N ASP B 419 -23.17 -2.84 27.01
CA ASP B 419 -22.64 -2.95 25.65
C ASP B 419 -23.35 -1.87 24.83
N LEU B 420 -22.59 -0.97 24.26
CA LEU B 420 -23.17 0.25 23.68
C LEU B 420 -23.81 -0.03 22.36
N SER B 421 -23.64 -1.22 21.81
CA SER B 421 -24.41 -1.53 20.63
C SER B 421 -25.91 -1.59 20.98
N SER B 422 -26.23 -1.85 22.24
CA SER B 422 -27.61 -1.88 22.73
C SER B 422 -28.12 -0.46 23.06
N LYS B 423 -27.25 0.53 22.91
CA LYS B 423 -27.61 1.89 23.25
C LYS B 423 -27.61 2.80 22.02
N VAL B 424 -27.40 2.22 20.85
CA VAL B 424 -27.42 2.99 19.60
C VAL B 424 -28.83 3.55 19.45
N GLY B 425 -28.91 4.84 19.16
CA GLY B 425 -30.20 5.48 19.02
C GLY B 425 -29.97 6.91 18.62
N GLN B 426 -30.94 7.76 18.92
CA GLN B 426 -30.80 9.16 18.57
C GLN B 426 -29.46 9.71 19.03
N HIS B 427 -28.97 9.22 20.18
CA HIS B 427 -27.84 9.82 20.90
C HIS B 427 -26.47 9.09 20.83
N LEU B 428 -26.36 8.02 20.07
CA LEU B 428 -25.13 7.28 20.08
C LEU B 428 -25.10 6.57 18.75
N GLN B 429 -23.95 6.60 18.08
CA GLN B 429 -23.73 5.85 16.87
C GLN B 429 -22.42 5.09 16.94
N LEU B 430 -22.35 4.00 16.19
CA LEU B 430 -21.14 3.21 16.08
C LEU B 430 -20.82 3.15 14.60
N HIS B 431 -19.59 3.50 14.24
CA HIS B 431 -19.15 3.46 12.84
C HIS B 431 -17.85 2.70 12.70
N ASP B 432 -17.83 1.71 11.81
CA ASP B 432 -16.62 0.95 11.55
C ASP B 432 -16.22 1.03 10.07
N SER B 433 -14.92 1.02 9.83
CA SER B 433 -14.42 0.98 8.45
C SER B 433 -13.10 0.20 8.36
N TYR B 434 -12.77 -0.19 7.14
CA TYR B 434 -11.52 -0.87 6.84
C TYR B 434 -10.87 -0.18 5.64
N ASP B 435 -9.58 0.10 5.75
CA ASP B 435 -8.83 0.63 4.62
C ASP B 435 -7.86 -0.44 4.12
N ARG B 436 -8.12 -1.03 2.95
CA ARG B 436 -7.26 -2.11 2.49
C ARG B 436 -5.88 -1.63 2.06
N ALA B 437 -5.71 -0.33 1.84
CA ALA B 437 -4.40 0.20 1.44
C ALA B 437 -3.41 0.14 2.58
N SER B 438 -3.90 0.42 3.80
CA SER B 438 -3.06 0.33 4.98
C SER B 438 -3.31 -0.93 5.80
N LYS B 439 -4.36 -1.68 5.48
CA LYS B 439 -4.76 -2.86 6.27
C LYS B 439 -5.04 -2.49 7.71
N VAL B 440 -5.72 -1.36 7.85
CA VAL B 440 -6.11 -0.84 9.15
C VAL B 440 -7.63 -0.77 9.30
N TYR B 441 -8.11 -1.28 10.44
CA TYR B 441 -9.52 -1.17 10.81
C TYR B 441 -9.71 0.04 11.70
N LEU B 442 -10.70 0.86 11.38
CA LEU B 442 -11.05 2.00 12.22
C LEU B 442 -12.42 1.74 12.86
N PHE B 443 -12.49 1.89 14.17
CA PHE B 443 -13.74 1.72 14.90
C PHE B 443 -14.04 2.98 15.70
N GLU B 444 -15.27 3.47 15.58
CA GLU B 444 -15.64 4.76 16.16
C GLU B 444 -16.88 4.64 17.01
N LEU B 445 -16.88 5.39 18.10
CA LEU B 445 -18.04 5.54 18.93
C LEU B 445 -18.38 7.03 18.99
N HIS B 446 -19.59 7.38 18.55
CA HIS B 446 -20.05 8.76 18.54
C HIS B 446 -21.10 8.94 19.60
N ILE B 447 -20.86 9.91 20.46
CA ILE B 447 -21.82 10.29 21.48
C ILE B 447 -22.30 11.68 21.13
N THR B 448 -23.62 11.81 20.99
CA THR B 448 -24.25 13.07 20.58
C THR B 448 -25.24 13.57 21.65
N ASP B 449 -25.45 14.88 21.67
CA ASP B 449 -26.35 15.47 22.65
C ASP B 449 -25.95 14.98 24.05
N ALA B 450 -24.67 15.09 24.35
CA ALA B 450 -24.09 14.60 25.59
C ALA B 450 -24.78 15.15 26.83
N GLN B 451 -25.04 14.29 27.80
CA GLN B 451 -25.55 14.73 29.08
C GLN B 451 -24.66 14.30 30.24
N THR B 452 -24.93 14.84 31.42
CA THR B 452 -24.12 14.58 32.58
C THR B 452 -24.03 13.07 32.80
N THR B 453 -25.10 12.36 32.47
CA THR B 453 -25.18 10.93 32.67
C THR B 453 -24.29 10.16 31.71
N SER B 454 -23.81 10.83 30.66
CA SER B 454 -22.91 10.21 29.69
C SER B 454 -21.47 10.17 30.21
N ALA B 455 -21.20 10.91 31.28
CA ALA B 455 -19.85 10.96 31.81
C ALA B 455 -19.44 9.67 32.50
N GLY B 456 -18.15 9.39 32.44
CA GLY B 456 -17.55 8.35 33.25
C GLY B 456 -16.64 7.43 32.46
N GLY B 457 -16.42 6.24 33.01
CA GLY B 457 -15.53 5.28 32.42
C GLY B 457 -16.17 4.40 31.37
N TYR B 458 -15.39 4.14 30.33
CA TYR B 458 -15.78 3.36 29.17
C TYR B 458 -14.65 2.37 28.88
N ARG B 459 -14.96 1.37 28.06
CA ARG B 459 -14.00 0.36 27.67
C ARG B 459 -14.20 0.00 26.17
N CYS B 460 -13.09 -0.21 25.51
CA CYS B 460 -13.05 -0.68 24.13
C CYS B 460 -12.39 -2.06 24.12
N GLU B 461 -13.11 -3.06 23.68
CA GLU B 461 -12.61 -4.44 23.58
C GLU B 461 -12.43 -4.83 22.13
N VAL B 462 -11.27 -5.36 21.80
CA VAL B 462 -11.02 -5.86 20.43
C VAL B 462 -10.66 -7.32 20.49
N SER B 463 -11.24 -8.12 19.61
CA SER B 463 -10.92 -9.55 19.67
C SER B 463 -10.78 -10.12 18.28
N THR B 464 -9.96 -11.18 18.19
CA THR B 464 -9.85 -11.97 16.99
C THR B 464 -10.08 -13.39 17.44
N LYS B 465 -9.81 -14.37 16.59
CA LYS B 465 -10.10 -15.74 16.99
C LYS B 465 -9.23 -16.17 18.16
N ASP B 466 -8.01 -15.65 18.22
CA ASP B 466 -7.03 -16.15 19.19
C ASP B 466 -6.53 -15.07 20.16
N LYS B 467 -6.89 -13.82 19.91
CA LYS B 467 -6.37 -12.74 20.72
C LYS B 467 -7.47 -11.81 21.22
N PHE B 468 -7.14 -11.13 22.30
CA PHE B 468 -8.05 -10.17 22.90
C PHE B 468 -7.24 -9.07 23.55
N ASP B 469 -7.70 -7.82 23.41
CA ASP B 469 -7.14 -6.73 24.20
C ASP B 469 -8.26 -5.75 24.49
N SER B 470 -8.05 -4.90 25.48
CA SER B 470 -9.06 -3.92 25.84
C SER B 470 -8.35 -2.74 26.44
N CYS B 471 -9.01 -1.58 26.42
CA CYS B 471 -8.45 -0.43 27.08
C CYS B 471 -9.59 0.40 27.62
N ASN B 472 -9.30 1.16 28.66
CA ASN B 472 -10.29 2.03 29.28
C ASN B 472 -10.04 3.49 28.92
N PHE B 473 -11.12 4.25 28.93
CA PHE B 473 -11.00 5.68 28.71
C PHE B 473 -12.13 6.38 29.42
N ASN B 474 -11.95 7.68 29.68
CA ASN B 474 -12.90 8.46 30.41
C ASN B 474 -13.54 9.57 29.56
N LEU B 475 -14.82 9.83 29.78
CA LEU B 475 -15.47 11.01 29.23
C LEU B 475 -15.87 11.96 30.38
N THR B 476 -15.45 13.22 30.26
CA THR B 476 -15.87 14.28 31.17
C THR B 476 -16.90 15.14 30.45
N VAL B 477 -18.01 15.43 31.14
CA VAL B 477 -19.06 16.26 30.57
C VAL B 477 -19.16 17.58 31.35
N HIS B 478 -18.96 18.70 30.67
CA HIS B 478 -18.98 20.02 31.30
C HIS B 478 -20.30 20.70 31.07
N GLU B 479 -20.77 21.44 32.06
CA GLU B 479 -21.92 22.31 31.81
C GLU B 479 -21.48 23.73 31.47
#